data_6ECN
#
_entry.id   6ECN
#
_cell.length_a   65.600
_cell.length_b   84.100
_cell.length_c   248.550
_cell.angle_alpha   90.00
_cell.angle_beta   90.00
_cell.angle_gamma   90.00
#
_symmetry.space_group_name_H-M   'P 21 21 21'
#
loop_
_entity.id
_entity.type
_entity.pdbx_description
1 polymer 'HIV-1 CA'
2 polymer 'HIV-1 CA'
3 polymer 'HIV-1 CA'
#
loop_
_entity_poly.entity_id
_entity_poly.type
_entity_poly.pdbx_seq_one_letter_code
_entity_poly.pdbx_strand_id
1 'polypeptide(L)'
;PIVQNLQGQMVHQAISPRTLNAWVKVVEEKAFSPEVIPMFSALSCGATPQDLNCMLNTVGGHQAAMQMLKETINEEAAEW
DRLHPVHAGPIAPGQMREPRGSDIAGTTSTLQEQIGWMTHNPPIPVGEIYKRWIILGLNKIVRMYSPTSILDIRQGPKEP
FRDYVDRFYKTLRAEQASQEVKNAATETLLVQNANPDCKTILKALGPGATLEEMMTACQGVGGPGHKARVL
;
A,D
2 'polypeptide(L)'
;PIVQNLQGQMVHQAISPRTLNAWVKVVEEKAFSPEVIPMFSCLSEGATPQDLNEMLNTVGGHQAAMQMLKETINEEAAEW
DRLHPVHAGPIAPGQMREPRGSDIAGTTSTLQEQIGWMTHNPPIPVGEIYKRWIILGLNKIVRMYSPTSILDIRQGPKEP
FRDYVDRFYKTLRAEQASQEVKNAATETLLVQNANPDCKTILKALGPGATLEEMMTACQGVGGPGHKARVL
;
B,E
3 'polypeptide(L)'
;PIVQNLQGQMVHQCISPRTLNAWVKVVEEKAFSPEVIPMFSELSEGATPQDLNTMLNTVGGHQAAMQMLKETINEEAAEW
DRLHPVHAGPIAPGQMREPRGSDIAGTTSTLQEQIGWMTHNPPIPVGEIYKRWIILGLNKIVRMYSKLQ
;
C,F
#
# COMPACT_ATOMS: atom_id res chain seq x y z
N PRO A 1 14.62 26.37 -17.42
CA PRO A 1 15.13 27.33 -18.41
C PRO A 1 14.46 28.70 -18.22
N ILE A 2 15.17 29.63 -17.59
CA ILE A 2 14.59 30.93 -17.27
C ILE A 2 15.27 32.02 -18.11
N VAL A 3 14.45 32.91 -18.65
CA VAL A 3 14.89 34.14 -19.33
C VAL A 3 13.89 35.26 -18.98
N GLN A 4 14.30 36.52 -19.11
CA GLN A 4 13.36 37.62 -18.87
C GLN A 4 12.93 38.34 -20.16
N ASN A 5 13.33 37.80 -21.31
CA ASN A 5 13.05 38.45 -22.59
C ASN A 5 11.59 38.25 -22.94
N LEU A 6 10.70 38.81 -22.12
CA LEU A 6 9.27 38.70 -22.35
C LEU A 6 8.67 40.07 -22.59
N GLN A 7 8.17 40.67 -21.52
CA GLN A 7 7.51 41.99 -21.58
C GLN A 7 7.22 42.53 -20.19
N GLY A 8 6.00 42.31 -19.70
CA GLY A 8 5.60 42.73 -18.37
C GLY A 8 6.38 42.07 -17.24
N GLN A 9 6.68 40.79 -17.40
CA GLN A 9 7.33 40.00 -16.34
C GLN A 9 8.33 38.98 -16.93
N MET A 10 9.22 38.47 -16.09
CA MET A 10 10.12 37.36 -16.49
C MET A 10 9.36 36.12 -16.97
N VAL A 11 9.90 35.52 -18.02
CA VAL A 11 9.31 34.35 -18.66
C VAL A 11 10.08 33.08 -18.30
N HIS A 12 9.58 32.31 -17.35
CA HIS A 12 10.10 30.96 -17.07
C HIS A 12 9.59 30.09 -18.19
N GLN A 13 10.46 29.65 -19.08
CA GLN A 13 10.01 28.81 -20.20
C GLN A 13 9.88 27.43 -19.62
N ALA A 14 8.72 26.77 -19.76
CA ALA A 14 8.55 25.44 -19.19
C ALA A 14 9.66 24.61 -19.79
N ILE A 15 10.45 23.96 -18.92
CA ILE A 15 11.63 23.18 -19.33
C ILE A 15 11.29 22.28 -20.51
N SER A 16 12.11 22.27 -21.57
CA SER A 16 11.67 21.63 -22.80
C SER A 16 11.56 20.11 -22.65
N PRO A 17 10.57 19.50 -23.33
CA PRO A 17 10.52 18.03 -23.40
C PRO A 17 11.80 17.40 -23.89
N ARG A 18 12.50 18.04 -24.83
CA ARG A 18 13.82 17.57 -25.31
C ARG A 18 14.81 17.48 -24.19
N THR A 19 14.91 18.55 -23.39
CA THR A 19 15.80 18.58 -22.22
C THR A 19 15.43 17.49 -21.23
N LEU A 20 14.15 17.41 -20.87
CA LEU A 20 13.72 16.45 -19.85
C LEU A 20 14.00 15.04 -20.27
N ASN A 21 13.68 14.70 -21.51
CA ASN A 21 13.90 13.38 -22.03
C ASN A 21 15.40 13.04 -22.15
N ALA A 22 16.22 14.01 -22.58
CA ALA A 22 17.67 13.79 -22.69
C ALA A 22 18.31 13.41 -21.38
N TRP A 23 17.92 14.10 -20.31
CA TRP A 23 18.41 13.81 -18.98
C TRP A 23 18.00 12.41 -18.47
N VAL A 24 16.71 12.10 -18.58
CA VAL A 24 16.20 10.76 -18.26
C VAL A 24 16.98 9.66 -18.99
N LYS A 25 17.24 9.90 -20.28
CA LYS A 25 17.91 8.90 -21.12
C LYS A 25 19.37 8.72 -20.77
N VAL A 26 20.07 9.81 -20.50
CA VAL A 26 21.47 9.81 -20.06
C VAL A 26 21.65 8.95 -18.83
N VAL A 27 20.77 9.16 -17.85
CA VAL A 27 20.83 8.47 -16.59
C VAL A 27 20.55 6.98 -16.82
N GLU A 28 19.54 6.68 -17.62
CA GLU A 28 19.19 5.27 -17.93
C GLU A 28 20.30 4.54 -18.65
N GLU A 29 20.96 5.24 -19.56
CA GLU A 29 21.94 4.64 -20.43
C GLU A 29 23.36 4.61 -19.85
N LYS A 30 23.76 5.68 -19.15
CA LYS A 30 25.16 5.83 -18.71
C LYS A 30 25.43 5.35 -17.28
N ALA A 31 24.43 4.71 -16.64
CA ALA A 31 24.48 4.40 -15.20
C ALA A 31 24.94 5.67 -14.43
N PHE A 32 26.01 5.56 -13.64
CA PHE A 32 26.51 6.79 -13.03
C PHE A 32 27.96 7.04 -13.35
N SER A 33 28.18 7.06 -14.66
CA SER A 33 29.47 7.38 -15.20
C SER A 33 29.76 8.83 -14.85
N PRO A 34 31.03 9.18 -14.62
CA PRO A 34 31.33 10.57 -14.19
C PRO A 34 30.87 11.66 -15.18
N GLU A 35 30.75 11.35 -16.48
CA GLU A 35 30.31 12.35 -17.45
C GLU A 35 28.88 12.79 -17.28
N VAL A 36 28.10 12.09 -16.46
CA VAL A 36 26.75 12.48 -16.09
C VAL A 36 26.71 13.84 -15.38
N ILE A 37 27.74 14.12 -14.59
CA ILE A 37 27.81 15.35 -13.79
C ILE A 37 27.91 16.62 -14.66
N PRO A 38 28.87 16.67 -15.62
CA PRO A 38 28.88 17.86 -16.51
C PRO A 38 27.60 18.00 -17.31
N MET A 39 27.07 16.85 -17.73
CA MET A 39 25.87 16.78 -18.55
C MET A 39 24.68 17.37 -17.82
N PHE A 40 24.48 16.95 -16.58
CA PHE A 40 23.47 17.54 -15.74
C PHE A 40 23.67 19.05 -15.61
N SER A 41 24.91 19.43 -15.31
CA SER A 41 25.20 20.83 -15.07
C SER A 41 24.94 21.72 -16.29
N ALA A 42 24.97 21.14 -17.49
CA ALA A 42 24.73 21.83 -18.74
C ALA A 42 23.27 21.83 -19.14
N LEU A 43 22.63 20.68 -18.97
CA LEU A 43 21.19 20.54 -19.22
C LEU A 43 20.32 21.43 -18.34
N SER A 44 20.84 21.78 -17.15
CA SER A 44 20.13 22.62 -16.20
C SER A 44 20.55 24.08 -16.22
N CYS A 45 21.02 24.54 -17.38
CA CYS A 45 21.56 25.89 -17.51
C CYS A 45 20.54 26.91 -17.05
N GLY A 46 20.90 27.70 -16.03
CA GLY A 46 20.03 28.76 -15.49
C GLY A 46 18.73 28.33 -14.84
N ALA A 47 18.50 27.01 -14.85
CA ALA A 47 17.29 26.41 -14.33
C ALA A 47 16.96 26.76 -12.89
N THR A 48 15.66 26.91 -12.65
CA THR A 48 15.11 27.21 -11.35
C THR A 48 15.02 25.91 -10.54
N PRO A 49 14.81 26.03 -9.20
CA PRO A 49 14.67 24.82 -8.41
C PRO A 49 13.54 23.91 -8.89
N GLN A 50 12.44 24.49 -9.36
CA GLN A 50 11.36 23.70 -9.95
C GLN A 50 11.86 22.82 -11.11
N ASP A 51 12.65 23.41 -12.00
CA ASP A 51 13.18 22.68 -13.17
C ASP A 51 14.12 21.55 -12.73
N LEU A 52 14.94 21.81 -11.72
CA LEU A 52 15.86 20.83 -11.19
C LEU A 52 15.10 19.64 -10.62
N ASN A 53 14.05 19.93 -9.86
CA ASN A 53 13.20 18.89 -9.29
C ASN A 53 12.51 18.06 -10.35
N CYS A 54 12.03 18.75 -11.40
CA CYS A 54 11.46 18.08 -12.57
C CYS A 54 12.39 17.04 -13.12
N MET A 55 13.63 17.45 -13.36
CA MET A 55 14.67 16.56 -13.88
C MET A 55 14.89 15.35 -13.00
N LEU A 56 15.05 15.59 -11.71
CA LEU A 56 15.28 14.52 -10.78
C LEU A 56 14.05 13.59 -10.63
N ASN A 57 12.86 14.19 -10.59
CA ASN A 57 11.63 13.43 -10.37
C ASN A 57 11.21 12.60 -11.57
N THR A 58 11.66 12.97 -12.77
CA THR A 58 11.26 12.23 -13.96
C THR A 58 12.05 10.91 -14.15
N VAL A 59 13.06 10.67 -13.31
CA VAL A 59 13.98 9.55 -13.51
C VAL A 59 13.35 8.20 -13.12
N GLY A 60 12.76 7.54 -14.10
CA GLY A 60 12.05 6.29 -13.80
C GLY A 60 12.80 5.22 -13.00
N GLY A 61 14.00 4.93 -13.43
CA GLY A 61 14.74 3.79 -12.83
C GLY A 61 15.69 4.26 -11.74
N HIS A 62 16.51 3.34 -11.23
CA HIS A 62 17.64 3.68 -10.32
C HIS A 62 17.20 4.46 -9.11
N GLN A 63 16.04 4.08 -8.55
CA GLN A 63 15.47 4.81 -7.43
C GLN A 63 16.37 4.82 -6.20
N ALA A 64 17.18 3.78 -6.04
CA ALA A 64 18.18 3.72 -4.96
C ALA A 64 19.12 4.92 -4.99
N ALA A 65 19.64 5.24 -6.16
CA ALA A 65 20.52 6.38 -6.31
C ALA A 65 19.85 7.69 -5.99
N MET A 66 18.60 7.81 -6.43
CA MET A 66 17.84 9.03 -6.21
C MET A 66 17.55 9.29 -4.76
N GLN A 67 17.28 8.21 -4.02
CA GLN A 67 16.99 8.41 -2.62
C GLN A 67 18.25 8.95 -1.94
N MET A 68 19.41 8.39 -2.34
CA MET A 68 20.67 8.81 -1.77
C MET A 68 20.76 10.24 -2.06
N LEU A 69 20.41 10.62 -3.28
CA LEU A 69 20.40 12.02 -3.68
C LEU A 69 19.45 12.86 -2.84
N LYS A 70 18.28 12.30 -2.55
CA LYS A 70 17.28 12.97 -1.71
C LYS A 70 17.84 13.22 -0.31
N GLU A 71 18.55 12.24 0.24
CA GLU A 71 19.25 12.38 1.54
C GLU A 71 20.27 13.47 1.54
N THR A 72 21.07 13.56 0.49
CA THR A 72 22.11 14.55 0.41
C THR A 72 21.49 15.96 0.29
N ILE A 73 20.45 16.09 -0.51
CA ILE A 73 19.71 17.35 -0.64
C ILE A 73 19.18 17.81 0.75
N ASN A 74 18.60 16.86 1.50
CA ASN A 74 18.05 17.17 2.83
C ASN A 74 19.12 17.62 3.81
N GLU A 75 20.28 16.97 3.74
CA GLU A 75 21.46 17.35 4.53
C GLU A 75 21.88 18.77 4.24
N GLU A 76 21.97 19.11 2.96
CA GLU A 76 22.41 20.45 2.56
C GLU A 76 21.35 21.52 2.92
N ALA A 77 20.08 21.17 2.82
CA ALA A 77 19.02 22.09 3.21
C ALA A 77 19.08 22.41 4.71
N ALA A 78 19.33 21.37 5.51
CA ALA A 78 19.46 21.52 6.95
C ALA A 78 20.65 22.39 7.33
N GLU A 79 21.79 22.18 6.66
CA GLU A 79 23.00 22.97 6.82
C GLU A 79 22.79 24.44 6.46
N TRP A 80 22.03 24.68 5.40
CA TRP A 80 21.68 26.05 5.02
C TRP A 80 20.93 26.79 6.18
N ASP A 81 19.92 26.13 6.72
CA ASP A 81 19.09 26.72 7.78
C ASP A 81 19.91 26.97 9.07
N ARG A 82 20.83 26.07 9.36
CA ARG A 82 21.72 26.19 10.51
C ARG A 82 22.65 27.40 10.37
N LEU A 83 23.11 27.67 9.14
CA LEU A 83 23.98 28.81 8.85
C LEU A 83 23.22 30.11 8.57
N HIS A 84 21.94 29.99 8.21
CA HIS A 84 21.11 31.17 7.88
C HIS A 84 19.72 31.08 8.54
N PRO A 85 19.65 31.31 9.88
CA PRO A 85 18.37 31.31 10.58
C PRO A 85 17.55 32.57 10.25
N VAL A 86 16.52 32.42 9.40
CA VAL A 86 15.68 33.54 8.98
C VAL A 86 14.42 33.63 9.86
N ARG A 97 10.40 37.48 1.33
CA ARG A 97 10.86 36.58 2.39
C ARG A 97 12.20 35.95 2.03
N GLU A 98 12.99 35.59 3.04
CA GLU A 98 14.32 34.99 2.82
C GLU A 98 14.21 33.48 2.69
N PRO A 99 14.87 32.89 1.67
CA PRO A 99 14.63 31.47 1.37
C PRO A 99 15.32 30.52 2.35
N ARG A 100 14.56 29.53 2.83
CA ARG A 100 15.11 28.51 3.70
C ARG A 100 15.54 27.30 2.85
N GLY A 101 16.13 26.30 3.50
CA GLY A 101 16.64 25.11 2.83
C GLY A 101 15.63 24.46 1.91
N SER A 102 14.43 24.26 2.43
CA SER A 102 13.34 23.65 1.68
C SER A 102 12.82 24.53 0.55
N ASP A 103 13.03 25.85 0.64
CA ASP A 103 12.70 26.79 -0.45
C ASP A 103 13.68 26.65 -1.60
N ILE A 104 14.95 26.50 -1.25
CA ILE A 104 16.01 26.30 -2.24
C ILE A 104 15.81 24.96 -2.98
N ALA A 105 15.38 23.94 -2.26
CA ALA A 105 15.09 22.62 -2.86
C ALA A 105 13.77 22.56 -3.63
N GLY A 106 13.02 23.67 -3.66
CA GLY A 106 11.78 23.77 -4.42
C GLY A 106 10.60 23.04 -3.80
N THR A 107 10.71 22.65 -2.52
CA THR A 107 9.69 21.85 -1.86
C THR A 107 8.63 22.71 -1.20
N THR A 108 9.07 23.82 -0.61
CA THR A 108 8.20 24.73 0.13
C THR A 108 8.20 26.14 -0.45
N SER A 109 8.77 26.31 -1.66
CA SER A 109 8.72 27.58 -2.38
C SER A 109 7.82 27.44 -3.61
N THR A 110 7.16 28.54 -3.97
CA THR A 110 6.34 28.61 -5.18
C THR A 110 7.23 29.05 -6.34
N LEU A 111 6.80 28.77 -7.57
CA LEU A 111 7.53 29.21 -8.74
C LEU A 111 7.76 30.73 -8.73
N GLN A 112 6.71 31.47 -8.35
CA GLN A 112 6.80 32.92 -8.33
C GLN A 112 7.83 33.44 -7.32
N GLU A 113 7.89 32.82 -6.15
CA GLU A 113 8.90 33.13 -5.14
C GLU A 113 10.31 32.84 -5.67
N GLN A 114 10.47 31.69 -6.35
CA GLN A 114 11.75 31.29 -6.93
C GLN A 114 12.23 32.34 -7.97
N ILE A 115 11.31 32.75 -8.84
CA ILE A 115 11.59 33.79 -9.83
C ILE A 115 11.97 35.11 -9.15
N GLY A 116 11.22 35.46 -8.10
CA GLY A 116 11.49 36.67 -7.32
C GLY A 116 12.90 36.70 -6.73
N TRP A 117 13.33 35.60 -6.12
CA TRP A 117 14.66 35.52 -5.54
C TRP A 117 15.75 35.55 -6.59
N MET A 118 15.59 34.76 -7.66
CA MET A 118 16.59 34.69 -8.74
C MET A 118 16.78 36.01 -9.50
N THR A 119 15.71 36.77 -9.65
CA THR A 119 15.69 38.01 -10.41
C THR A 119 15.74 39.27 -9.50
N HIS A 120 15.95 39.08 -8.20
CA HIS A 120 16.00 40.18 -7.22
C HIS A 120 17.27 40.98 -7.38
N ASN A 121 17.30 42.18 -6.79
CA ASN A 121 18.52 42.99 -6.73
C ASN A 121 18.86 43.33 -5.26
N PRO A 122 19.85 42.67 -4.64
CA PRO A 122 20.74 41.67 -5.26
C PRO A 122 20.06 40.31 -5.42
N PRO A 123 20.47 39.52 -6.43
CA PRO A 123 19.81 38.23 -6.63
C PRO A 123 20.26 37.18 -5.62
N ILE A 124 19.30 36.37 -5.20
CA ILE A 124 19.57 35.19 -4.41
C ILE A 124 19.45 34.02 -5.37
N PRO A 125 20.60 33.49 -5.87
CA PRO A 125 20.56 32.49 -6.93
C PRO A 125 20.18 31.08 -6.44
N VAL A 126 18.92 30.93 -6.08
CA VAL A 126 18.42 29.69 -5.49
C VAL A 126 18.55 28.48 -6.43
N GLY A 127 18.43 28.73 -7.72
CA GLY A 127 18.64 27.70 -8.73
C GLY A 127 20.07 27.16 -8.70
N GLU A 128 21.02 28.07 -8.65
CA GLU A 128 22.43 27.67 -8.63
C GLU A 128 22.82 27.01 -7.31
N ILE A 129 22.24 27.47 -6.20
CA ILE A 129 22.51 26.86 -4.90
C ILE A 129 21.98 25.43 -4.87
N TYR A 130 20.74 25.24 -5.32
CA TYR A 130 20.14 23.91 -5.39
C TYR A 130 20.90 22.97 -6.30
N LYS A 131 21.32 23.48 -7.46
CA LYS A 131 22.06 22.68 -8.44
C LYS A 131 23.36 22.18 -7.81
N ARG A 132 24.00 23.06 -7.04
CA ARG A 132 25.23 22.73 -6.33
C ARG A 132 25.00 21.59 -5.37
N TRP A 133 23.91 21.63 -4.60
CA TRP A 133 23.59 20.57 -3.65
C TRP A 133 23.34 19.24 -4.37
N ILE A 134 22.64 19.30 -5.51
CA ILE A 134 22.34 18.10 -6.30
C ILE A 134 23.62 17.48 -6.80
N ILE A 135 24.53 18.31 -7.28
CA ILE A 135 25.80 17.85 -7.78
C ILE A 135 26.64 17.22 -6.68
N LEU A 136 26.60 17.81 -5.48
CA LEU A 136 27.21 17.21 -4.29
C LEU A 136 26.71 15.77 -4.06
N GLY A 137 25.41 15.59 -4.18
CA GLY A 137 24.83 14.27 -4.07
C GLY A 137 25.22 13.33 -5.19
N LEU A 138 25.21 13.83 -6.43
CA LEU A 138 25.61 13.04 -7.57
C LEU A 138 27.07 12.58 -7.49
N ASN A 139 27.92 13.46 -7.00
CA ASN A 139 29.32 13.11 -6.77
C ASN A 139 29.48 11.88 -5.88
N LYS A 140 28.72 11.84 -4.80
CA LYS A 140 28.74 10.73 -3.87
C LYS A 140 28.29 9.41 -4.55
N ILE A 141 27.27 9.53 -5.37
CA ILE A 141 26.73 8.40 -6.12
C ILE A 141 27.74 7.87 -7.14
N VAL A 142 28.35 8.80 -7.89
CA VAL A 142 29.36 8.44 -8.87
C VAL A 142 30.53 7.70 -8.21
N ARG A 143 30.95 8.18 -7.04
CA ARG A 143 32.04 7.54 -6.31
C ARG A 143 31.62 6.14 -5.89
N MET A 144 30.35 6.00 -5.47
CA MET A 144 29.81 4.72 -5.07
C MET A 144 29.84 3.71 -6.21
N TYR A 145 29.50 4.20 -7.40
CA TYR A 145 29.28 3.37 -8.55
C TYR A 145 30.56 3.14 -9.39
N SER A 146 31.68 3.71 -8.94
CA SER A 146 32.99 3.42 -9.54
C SER A 146 33.26 1.91 -9.39
N PRO A 147 33.41 1.17 -10.50
CA PRO A 147 33.61 -0.29 -10.39
C PRO A 147 35.02 -0.75 -9.93
N THR A 148 36.03 0.12 -9.99
CA THR A 148 37.42 -0.27 -9.74
C THR A 148 38.17 0.72 -8.87
N SER A 149 39.02 0.21 -7.97
CA SER A 149 39.96 1.05 -7.23
C SER A 149 41.16 1.40 -8.09
N ILE A 150 41.66 2.61 -7.87
CA ILE A 150 42.87 3.10 -8.55
C ILE A 150 44.07 2.15 -8.34
N LEU A 151 44.12 1.53 -7.16
CA LEU A 151 45.17 0.58 -6.81
C LEU A 151 45.19 -0.67 -7.68
N ASP A 152 44.06 -1.00 -8.31
CA ASP A 152 43.97 -2.21 -9.13
C ASP A 152 44.26 -1.99 -10.62
N ILE A 153 44.52 -0.74 -11.02
CA ILE A 153 44.86 -0.44 -12.38
C ILE A 153 46.35 -0.62 -12.59
N ARG A 154 46.72 -1.75 -13.19
CA ARG A 154 48.10 -2.02 -13.61
C ARG A 154 48.12 -2.44 -15.07
N GLN A 155 49.13 -2.00 -15.82
CA GLN A 155 49.22 -2.34 -17.24
C GLN A 155 49.49 -3.83 -17.43
N GLY A 156 48.73 -4.44 -18.34
CA GLY A 156 48.94 -5.84 -18.71
C GLY A 156 50.22 -6.02 -19.51
N PRO A 157 50.82 -7.23 -19.53
CA PRO A 157 52.10 -7.37 -20.28
C PRO A 157 51.94 -7.10 -21.77
N LYS A 158 50.77 -7.39 -22.35
CA LYS A 158 50.50 -7.17 -23.78
C LYS A 158 49.54 -6.00 -24.06
N GLU A 159 49.15 -5.26 -23.02
CA GLU A 159 48.30 -4.09 -23.18
C GLU A 159 49.09 -2.88 -23.72
N PRO A 160 48.62 -2.29 -24.84
CA PRO A 160 49.20 -1.01 -25.27
C PRO A 160 49.12 0.05 -24.19
N PHE A 161 50.16 0.85 -24.03
CA PHE A 161 50.20 1.87 -22.99
C PHE A 161 49.04 2.84 -23.10
N ARG A 162 48.65 3.19 -24.32
CA ARG A 162 47.48 4.08 -24.54
C ARG A 162 46.21 3.55 -23.85
N ASP A 163 45.97 2.23 -23.97
CA ASP A 163 44.81 1.59 -23.38
C ASP A 163 44.89 1.56 -21.86
N TYR A 164 46.09 1.34 -21.33
CA TYR A 164 46.30 1.39 -19.89
C TYR A 164 46.04 2.79 -19.34
N VAL A 165 46.56 3.81 -20.02
CA VAL A 165 46.32 5.20 -19.60
C VAL A 165 44.82 5.55 -19.62
N ASP A 166 44.12 5.10 -20.67
CA ASP A 166 42.67 5.27 -20.74
C ASP A 166 41.97 4.66 -19.51
N ARG A 167 42.33 3.43 -19.14
CA ARG A 167 41.71 2.79 -17.98
C ARG A 167 42.08 3.49 -16.68
N PHE A 168 43.33 3.94 -16.59
CA PHE A 168 43.85 4.60 -15.42
C PHE A 168 43.10 5.91 -15.11
N TYR A 169 43.00 6.78 -16.10
CA TYR A 169 42.33 8.05 -15.90
C TYR A 169 40.83 7.98 -15.86
N LYS A 170 40.24 6.94 -16.48
CA LYS A 170 38.79 6.65 -16.31
C LYS A 170 38.52 6.38 -14.83
N THR A 171 39.31 5.49 -14.23
CA THR A 171 39.21 5.16 -12.82
C THR A 171 39.43 6.34 -11.91
N LEU A 172 40.48 7.10 -12.18
CA LEU A 172 40.83 8.26 -11.38
C LEU A 172 39.65 9.28 -11.38
N ARG A 173 39.05 9.47 -12.55
CA ARG A 173 37.96 10.41 -12.71
C ARG A 173 36.83 9.97 -11.81
N ALA A 174 36.75 8.65 -11.62
CA ALA A 174 35.67 7.99 -10.89
C ALA A 174 35.67 8.35 -9.42
N GLU A 175 36.86 8.38 -8.83
CA GLU A 175 37.03 8.74 -7.42
C GLU A 175 37.06 10.26 -7.42
N GLN A 176 35.95 10.87 -7.82
CA GLN A 176 35.76 12.34 -7.93
C GLN A 176 36.37 13.10 -6.80
N ALA A 185 44.98 11.75 -7.87
CA ALA A 185 46.20 12.22 -7.18
C ALA A 185 47.46 12.09 -8.07
N THR A 186 48.47 11.36 -7.62
CA THR A 186 49.75 11.44 -8.28
C THR A 186 49.90 10.61 -9.58
N GLU A 187 50.69 11.14 -10.51
CA GLU A 187 51.09 10.44 -11.74
C GLU A 187 52.23 9.45 -11.45
N THR A 188 52.88 9.62 -10.29
CA THR A 188 53.80 8.62 -9.74
C THR A 188 53.22 7.21 -9.67
N LEU A 189 51.93 7.08 -9.32
CA LEU A 189 51.23 5.80 -9.40
C LEU A 189 51.07 5.28 -10.84
N LEU A 190 50.80 6.21 -11.74
CA LEU A 190 50.69 5.89 -13.18
C LEU A 190 51.97 5.25 -13.71
N VAL A 191 53.10 5.82 -13.30
CA VAL A 191 54.40 5.30 -13.74
C VAL A 191 54.73 4.02 -12.98
N GLN A 192 54.47 3.98 -11.67
CA GLN A 192 54.78 2.84 -10.83
C GLN A 192 54.02 1.57 -11.28
N ASN A 193 52.78 1.74 -11.73
CA ASN A 193 51.95 0.62 -12.20
C ASN A 193 52.13 0.24 -13.67
N ALA A 194 52.96 0.98 -14.40
CA ALA A 194 53.27 0.65 -15.80
C ALA A 194 54.19 -0.57 -15.84
N ASN A 195 54.28 -1.19 -17.01
CA ASN A 195 55.06 -2.43 -17.17
C ASN A 195 56.57 -2.12 -17.21
N PRO A 196 57.44 -3.16 -17.04
CA PRO A 196 58.86 -2.88 -16.80
C PRO A 196 59.56 -1.99 -17.82
N ASP A 197 59.34 -2.25 -19.10
CA ASP A 197 59.99 -1.53 -20.21
C ASP A 197 59.62 -0.07 -20.25
N CYS A 198 58.31 0.15 -20.24
CA CYS A 198 57.78 1.49 -20.31
C CYS A 198 58.13 2.30 -19.03
N LYS A 199 58.06 1.63 -17.87
CA LYS A 199 58.44 2.25 -16.59
C LYS A 199 59.88 2.73 -16.62
N THR A 200 60.77 1.88 -17.14
CA THR A 200 62.18 2.24 -17.31
C THR A 200 62.34 3.56 -18.11
N ILE A 201 61.61 3.66 -19.21
CA ILE A 201 61.71 4.86 -20.03
C ILE A 201 61.09 6.08 -19.33
N LEU A 202 59.94 5.88 -18.65
CA LEU A 202 59.27 6.99 -17.97
C LEU A 202 60.10 7.52 -16.82
N LYS A 203 60.78 6.63 -16.09
CA LYS A 203 61.69 7.01 -15.03
C LYS A 203 62.82 7.90 -15.56
N ALA A 204 63.31 7.58 -16.75
CA ALA A 204 64.37 8.35 -17.42
C ALA A 204 63.91 9.74 -17.91
N LEU A 205 62.65 9.84 -18.31
CA LEU A 205 62.10 11.11 -18.76
C LEU A 205 61.93 12.14 -17.62
N GLY A 206 61.82 11.62 -16.40
CA GLY A 206 61.81 12.43 -15.19
C GLY A 206 60.41 12.89 -14.77
N PRO A 207 60.33 13.72 -13.71
CA PRO A 207 59.12 14.54 -13.50
C PRO A 207 59.03 15.66 -14.55
N GLY A 208 57.83 16.17 -14.76
CA GLY A 208 57.68 17.29 -15.72
C GLY A 208 57.71 16.91 -17.19
N ALA A 209 57.97 15.63 -17.53
CA ALA A 209 57.54 15.05 -18.80
C ALA A 209 56.03 15.16 -18.94
N THR A 210 55.54 15.64 -20.09
CA THR A 210 54.10 15.75 -20.33
C THR A 210 53.52 14.38 -20.67
N LEU A 211 52.21 14.27 -20.57
CA LEU A 211 51.52 13.03 -20.94
C LEU A 211 51.75 12.69 -22.39
N GLU A 212 51.73 13.70 -23.29
CA GLU A 212 52.08 13.47 -24.69
C GLU A 212 53.43 12.77 -24.85
N GLU A 213 54.43 13.28 -24.15
CA GLU A 213 55.80 12.72 -24.21
C GLU A 213 55.84 11.29 -23.64
N MET A 214 55.13 11.05 -22.56
CA MET A 214 55.07 9.73 -21.97
C MET A 214 54.36 8.72 -22.88
N MET A 215 53.27 9.14 -23.51
CA MET A 215 52.55 8.25 -24.40
C MET A 215 53.35 7.97 -25.67
N THR A 216 54.09 8.99 -26.15
CA THR A 216 55.00 8.83 -27.29
C THR A 216 56.07 7.83 -26.95
N ALA A 217 56.69 7.99 -25.78
CA ALA A 217 57.83 7.16 -25.40
C ALA A 217 57.47 5.65 -25.31
N CYS A 218 56.28 5.32 -24.81
CA CYS A 218 55.84 3.92 -24.71
C CYS A 218 54.96 3.42 -25.83
N GLN A 219 54.86 4.19 -26.91
CA GLN A 219 54.01 3.81 -28.07
C GLN A 219 54.26 2.47 -28.85
N PRO B 1 -1.57 28.47 -21.53
CA PRO B 1 -0.57 29.27 -20.82
C PRO B 1 -0.78 30.79 -21.01
N ILE B 2 0.00 31.64 -20.34
CA ILE B 2 -0.12 33.12 -20.41
C ILE B 2 1.01 33.83 -21.19
N VAL B 3 0.68 34.84 -22.00
CA VAL B 3 1.67 35.71 -22.70
C VAL B 3 1.18 37.15 -22.86
N GLN B 4 2.09 38.09 -23.12
CA GLN B 4 1.72 39.51 -23.31
C GLN B 4 1.75 39.95 -24.79
N ASN B 5 0.62 39.70 -25.47
CA ASN B 5 0.43 40.02 -26.90
C ASN B 5 0.31 41.52 -27.19
N LEU B 6 1.00 41.96 -28.23
CA LEU B 6 1.10 43.38 -28.64
C LEU B 6 1.62 44.22 -27.47
N GLN B 7 0.90 45.28 -27.09
CA GLN B 7 1.23 46.12 -25.92
C GLN B 7 1.32 45.34 -24.58
N GLY B 8 0.38 44.43 -24.36
CA GLY B 8 0.43 43.47 -23.24
C GLY B 8 -0.94 42.91 -22.91
N GLN B 9 -1.50 42.14 -23.85
CA GLN B 9 -2.91 41.78 -23.85
C GLN B 9 -3.31 40.67 -22.88
N MET B 10 -2.34 39.93 -22.35
CA MET B 10 -2.60 38.75 -21.48
C MET B 10 -3.47 37.64 -22.12
N VAL B 11 -2.98 37.10 -23.23
CA VAL B 11 -3.69 36.11 -24.05
C VAL B 11 -3.16 34.71 -23.79
N HIS B 12 -3.98 33.71 -24.10
CA HIS B 12 -3.67 32.31 -23.93
C HIS B 12 -2.77 31.82 -25.05
N GLN B 13 -1.73 31.06 -24.71
CA GLN B 13 -0.81 30.51 -25.67
C GLN B 13 -1.44 29.29 -26.34
N ALA B 14 -0.67 28.72 -27.26
CA ALA B 14 -0.90 27.35 -27.67
C ALA B 14 -0.25 26.41 -26.65
N ILE B 15 -0.54 25.13 -26.76
CA ILE B 15 0.37 24.10 -26.20
C ILE B 15 1.11 23.47 -27.39
N SER B 16 2.44 23.39 -27.30
CA SER B 16 3.22 23.02 -28.46
C SER B 16 3.00 21.57 -28.87
N PRO B 17 3.03 21.29 -30.21
CA PRO B 17 3.00 19.91 -30.66
C PRO B 17 4.09 19.06 -30.06
N ARG B 18 5.28 19.62 -29.84
CA ARG B 18 6.37 18.90 -29.21
C ARG B 18 6.01 18.45 -27.79
N THR B 19 5.43 19.34 -27.00
CA THR B 19 4.97 19.03 -25.64
C THR B 19 3.89 17.94 -25.69
N LEU B 20 2.88 18.14 -26.54
CA LEU B 20 1.79 17.19 -26.57
C LEU B 20 2.24 15.79 -27.00
N ASN B 21 3.08 15.71 -28.02
CA ASN B 21 3.64 14.45 -28.48
C ASN B 21 4.55 13.76 -27.46
N ALA B 22 5.38 14.54 -26.77
CA ALA B 22 6.20 13.99 -25.68
C ALA B 22 5.33 13.37 -24.58
N TRP B 23 4.25 14.07 -24.21
CA TRP B 23 3.31 13.59 -23.21
C TRP B 23 2.58 12.32 -23.65
N VAL B 24 2.04 12.34 -24.86
CA VAL B 24 1.42 11.15 -25.45
C VAL B 24 2.39 9.96 -25.45
N LYS B 25 3.66 10.20 -25.79
CA LYS B 25 4.72 9.16 -25.82
C LYS B 25 4.99 8.55 -24.45
N VAL B 26 5.14 9.38 -23.42
CA VAL B 26 5.32 8.95 -22.03
C VAL B 26 4.20 7.98 -21.60
N VAL B 27 2.96 8.40 -21.89
CA VAL B 27 1.77 7.67 -21.45
C VAL B 27 1.74 6.30 -22.16
N GLU B 28 1.96 6.31 -23.47
CA GLU B 28 1.95 5.08 -24.24
C GLU B 28 3.08 4.13 -23.87
N GLU B 29 4.24 4.69 -23.56
CA GLU B 29 5.45 3.89 -23.34
C GLU B 29 5.64 3.42 -21.90
N LYS B 30 5.26 4.26 -20.93
CA LYS B 30 5.51 3.97 -19.51
C LYS B 30 4.28 3.57 -18.68
N ALA B 31 3.16 3.32 -19.35
CA ALA B 31 1.88 2.98 -18.66
C ALA B 31 1.56 4.04 -17.60
N PHE B 32 1.36 3.61 -16.37
CA PHE B 32 1.21 4.56 -15.27
C PHE B 32 2.25 4.25 -14.16
N SER B 33 3.49 4.16 -14.63
CA SER B 33 4.64 4.15 -13.75
C SER B 33 4.65 5.48 -12.98
N PRO B 34 5.13 5.47 -11.70
CA PRO B 34 5.00 6.71 -10.89
C PRO B 34 5.65 7.93 -11.46
N GLU B 35 6.71 7.76 -12.27
CA GLU B 35 7.41 8.90 -12.89
C GLU B 35 6.58 9.74 -13.82
N VAL B 36 5.45 9.20 -14.24
CA VAL B 36 4.56 9.91 -15.12
C VAL B 36 3.96 11.16 -14.46
N ILE B 37 3.80 11.11 -13.16
CA ILE B 37 3.19 12.21 -12.40
C ILE B 37 4.04 13.47 -12.37
N PRO B 38 5.36 13.37 -12.03
CA PRO B 38 6.18 14.59 -12.14
C PRO B 38 6.26 15.10 -13.57
N MET B 39 6.29 14.17 -14.52
CA MET B 39 6.42 14.51 -15.93
C MET B 39 5.21 15.30 -16.42
N PHE B 40 4.01 14.83 -16.07
CA PHE B 40 2.79 15.61 -16.30
C PHE B 40 2.88 16.99 -15.65
N SER B 41 3.30 17.02 -14.39
CA SER B 41 3.37 18.27 -13.64
C SER B 41 4.32 19.29 -14.26
N CYS B 42 5.36 18.84 -14.96
CA CYS B 42 6.30 19.68 -15.66
C CYS B 42 5.83 20.05 -17.04
N LEU B 43 5.15 19.13 -17.73
CA LEU B 43 4.67 19.41 -19.09
C LEU B 43 3.48 20.41 -19.08
N SER B 44 2.75 20.45 -17.98
CA SER B 44 1.60 21.32 -17.80
C SER B 44 1.90 22.59 -17.00
N GLU B 45 3.18 22.95 -16.89
CA GLU B 45 3.56 24.12 -16.10
C GLU B 45 2.91 25.36 -16.67
N GLY B 46 2.23 26.11 -15.81
CA GLY B 46 1.52 27.33 -16.22
C GLY B 46 0.22 27.14 -16.98
N ALA B 47 -0.23 25.89 -17.11
CA ALA B 47 -1.45 25.58 -17.84
C ALA B 47 -2.73 26.15 -17.22
N THR B 48 -3.61 26.62 -18.10
CA THR B 48 -5.00 26.94 -17.75
C THR B 48 -5.79 25.65 -17.59
N PRO B 49 -6.95 25.72 -16.89
CA PRO B 49 -7.79 24.55 -16.77
C PRO B 49 -8.17 23.89 -18.13
N GLN B 50 -8.47 24.73 -19.12
CA GLN B 50 -8.74 24.23 -20.46
C GLN B 50 -7.55 23.42 -21.03
N ASP B 51 -6.33 23.92 -20.85
CA ASP B 51 -5.13 23.24 -21.31
C ASP B 51 -4.92 21.91 -20.63
N LEU B 52 -5.16 21.89 -19.33
CA LEU B 52 -5.05 20.68 -18.53
C LEU B 52 -6.01 19.63 -19.04
N ASN B 53 -7.26 20.03 -19.30
CA ASN B 53 -8.29 19.14 -19.85
C ASN B 53 -7.89 18.59 -21.24
N GLU B 54 -7.36 19.47 -22.08
CA GLU B 54 -6.85 19.05 -23.39
C GLU B 54 -5.79 17.95 -23.26
N MET B 55 -4.84 18.14 -22.37
CA MET B 55 -3.81 17.16 -22.11
C MET B 55 -4.38 15.82 -21.65
N LEU B 56 -5.31 15.87 -20.71
CA LEU B 56 -5.96 14.68 -20.19
C LEU B 56 -6.81 13.99 -21.24
N ASN B 57 -7.53 14.75 -22.07
CA ASN B 57 -8.34 14.16 -23.16
C ASN B 57 -7.49 13.52 -24.29
N THR B 58 -6.28 14.02 -24.46
CA THR B 58 -5.40 13.51 -25.49
C THR B 58 -4.67 12.22 -25.06
N VAL B 59 -5.21 11.51 -24.05
CA VAL B 59 -4.51 10.34 -23.49
C VAL B 59 -4.45 9.05 -24.29
N GLY B 60 -5.57 8.69 -24.93
CA GLY B 60 -5.63 7.44 -25.70
C GLY B 60 -5.76 6.14 -24.91
N GLY B 61 -6.66 6.15 -23.93
CA GLY B 61 -7.12 4.90 -23.31
C GLY B 61 -7.14 4.91 -21.80
N HIS B 62 -6.95 3.73 -21.21
CA HIS B 62 -6.89 3.52 -19.77
C HIS B 62 -8.25 3.55 -19.11
N GLN B 63 -9.29 3.41 -19.93
CA GLN B 63 -10.67 3.33 -19.49
C GLN B 63 -11.19 4.51 -18.64
N ALA B 64 -11.95 4.14 -17.60
CA ALA B 64 -12.61 5.06 -16.73
C ALA B 64 -11.66 5.61 -15.72
N ALA B 65 -10.38 5.22 -15.78
CA ALA B 65 -9.36 5.77 -14.89
C ALA B 65 -9.48 7.28 -14.86
N MET B 66 -9.65 7.84 -16.05
CA MET B 66 -9.89 9.26 -16.18
C MET B 66 -11.16 9.54 -15.43
N GLN B 67 -12.16 8.70 -15.71
CA GLN B 67 -13.42 8.79 -14.99
C GLN B 67 -13.20 8.77 -13.46
N MET B 68 -12.26 7.94 -13.00
CA MET B 68 -11.86 7.98 -11.58
C MET B 68 -11.26 9.33 -11.22
N LEU B 69 -10.44 9.86 -12.11
CA LEU B 69 -9.94 11.22 -11.95
C LEU B 69 -11.10 12.23 -11.96
N LYS B 70 -12.08 12.00 -12.83
CA LYS B 70 -13.26 12.84 -12.90
C LYS B 70 -14.01 12.85 -11.55
N GLU B 71 -14.14 11.68 -10.94
CA GLU B 71 -14.78 11.53 -9.63
C GLU B 71 -14.04 12.32 -8.54
N THR B 72 -12.71 12.24 -8.54
CA THR B 72 -11.88 12.92 -7.55
C THR B 72 -12.04 14.45 -7.70
N ILE B 73 -12.01 14.91 -8.94
CA ILE B 73 -12.15 16.34 -9.18
C ILE B 73 -13.56 16.83 -8.76
N ASN B 74 -14.60 16.04 -9.00
CA ASN B 74 -15.95 16.36 -8.53
C ASN B 74 -16.07 16.50 -7.02
N GLU B 75 -15.43 15.57 -6.31
CA GLU B 75 -15.32 15.61 -4.84
C GLU B 75 -14.64 16.91 -4.37
N GLU B 76 -13.48 17.22 -4.98
CA GLU B 76 -12.76 18.49 -4.74
C GLU B 76 -13.60 19.67 -5.21
N ALA B 77 -14.34 19.52 -6.33
CA ALA B 77 -15.23 20.58 -6.81
C ALA B 77 -16.34 20.87 -5.79
N ALA B 78 -16.91 19.80 -5.22
CA ALA B 78 -17.84 19.90 -4.09
C ALA B 78 -17.17 20.54 -2.86
N GLU B 79 -15.92 20.15 -2.56
CA GLU B 79 -15.14 20.75 -1.48
C GLU B 79 -14.86 22.23 -1.72
N TRP B 80 -14.55 22.58 -2.96
CA TRP B 80 -14.36 23.99 -3.34
C TRP B 80 -15.63 24.80 -3.07
N ASP B 81 -16.78 24.26 -3.50
CA ASP B 81 -18.10 24.83 -3.19
C ASP B 81 -18.35 25.03 -1.67
N ARG B 82 -17.94 24.08 -0.83
CA ARG B 82 -18.08 24.19 0.62
C ARG B 82 -17.25 25.37 1.17
N LEU B 83 -16.05 25.51 0.63
CA LEU B 83 -15.08 26.49 1.10
C LEU B 83 -15.15 27.85 0.42
N HIS B 84 -15.85 27.94 -0.71
CA HIS B 84 -15.93 29.18 -1.50
C HIS B 84 -17.41 29.66 -1.70
N PRO B 85 -18.04 30.23 -0.63
CA PRO B 85 -19.39 30.79 -0.82
C PRO B 85 -19.38 32.09 -1.65
N VAL B 86 -20.47 32.85 -1.62
CA VAL B 86 -20.56 34.13 -2.36
C VAL B 86 -19.97 35.23 -1.47
N HIS B 87 -18.64 35.38 -1.49
CA HIS B 87 -17.91 36.15 -0.46
C HIS B 87 -18.35 37.61 -0.20
N ALA B 88 -18.09 38.07 1.05
CA ALA B 88 -18.56 39.34 1.69
C ALA B 88 -18.33 40.64 0.91
N MET B 96 -15.82 40.57 -12.68
CA MET B 96 -15.30 39.28 -12.29
C MET B 96 -16.10 38.61 -11.13
N ARG B 97 -16.11 37.29 -11.13
CA ARG B 97 -16.90 36.50 -10.17
C ARG B 97 -16.01 35.57 -9.34
N GLU B 98 -16.56 35.00 -8.26
CA GLU B 98 -15.83 34.02 -7.44
C GLU B 98 -16.00 32.61 -8.03
N PRO B 99 -14.89 31.85 -8.13
CA PRO B 99 -14.96 30.60 -8.90
C PRO B 99 -15.60 29.45 -8.10
N ARG B 100 -16.52 28.73 -8.73
CA ARG B 100 -17.09 27.55 -8.14
C ARG B 100 -16.24 26.32 -8.55
N GLY B 101 -16.50 25.18 -7.93
CA GLY B 101 -15.74 23.95 -8.22
C GLY B 101 -15.72 23.62 -9.71
N SER B 102 -16.87 23.70 -10.37
CA SER B 102 -16.97 23.41 -11.80
C SER B 102 -16.27 24.45 -12.67
N ASP B 103 -16.08 25.67 -12.15
CA ASP B 103 -15.37 26.73 -12.85
C ASP B 103 -13.86 26.46 -12.87
N ILE B 104 -13.35 26.01 -11.72
CA ILE B 104 -11.93 25.69 -11.60
C ILE B 104 -11.59 24.47 -12.48
N ALA B 105 -12.52 23.49 -12.56
CA ALA B 105 -12.35 22.28 -13.38
C ALA B 105 -12.55 22.51 -14.90
N GLY B 106 -12.86 23.76 -15.27
CA GLY B 106 -13.00 24.16 -16.66
C GLY B 106 -14.27 23.67 -17.33
N THR B 107 -15.26 23.25 -16.54
CA THR B 107 -16.50 22.75 -17.11
C THR B 107 -17.52 23.85 -17.33
N THR B 108 -17.58 24.82 -16.42
CA THR B 108 -18.62 25.87 -16.43
C THR B 108 -18.02 27.27 -16.44
N SER B 109 -16.71 27.37 -16.71
CA SER B 109 -16.05 28.66 -16.87
C SER B 109 -15.61 28.83 -18.33
N THR B 110 -15.55 30.08 -18.77
CA THR B 110 -15.08 30.43 -20.11
C THR B 110 -13.55 30.64 -20.08
N LEU B 111 -12.87 30.50 -21.23
CA LEU B 111 -11.43 30.72 -21.28
C LEU B 111 -11.07 32.12 -20.78
N GLN B 112 -11.87 33.10 -21.20
CA GLN B 112 -11.61 34.48 -20.83
C GLN B 112 -11.75 34.74 -19.33
N GLU B 113 -12.74 34.12 -18.70
CA GLU B 113 -12.87 34.16 -17.23
C GLU B 113 -11.69 33.52 -16.53
N GLN B 114 -11.23 32.37 -17.04
CA GLN B 114 -10.06 31.67 -16.49
C GLN B 114 -8.83 32.58 -16.53
N ILE B 115 -8.61 33.21 -17.68
CA ILE B 115 -7.49 34.15 -17.86
C ILE B 115 -7.64 35.35 -16.90
N GLY B 116 -8.86 35.87 -16.78
CA GLY B 116 -9.17 36.96 -15.84
C GLY B 116 -8.80 36.65 -14.41
N TRP B 117 -9.18 35.47 -13.93
CA TRP B 117 -8.87 35.01 -12.57
C TRP B 117 -7.36 34.84 -12.37
N MET B 118 -6.73 34.12 -13.31
CA MET B 118 -5.29 33.88 -13.30
C MET B 118 -4.46 35.17 -13.43
N THR B 119 -4.97 36.17 -14.16
CA THR B 119 -4.24 37.43 -14.38
C THR B 119 -4.73 38.59 -13.53
N HIS B 120 -5.61 38.31 -12.57
CA HIS B 120 -6.17 39.32 -11.67
C HIS B 120 -5.12 39.82 -10.67
N ASN B 121 -5.41 40.95 -10.03
CA ASN B 121 -4.61 41.45 -8.91
C ASN B 121 -5.51 41.63 -7.68
N PRO B 122 -5.44 40.74 -6.67
CA PRO B 122 -4.53 39.58 -6.60
C PRO B 122 -4.97 38.42 -7.51
N PRO B 123 -4.01 37.60 -8.00
CA PRO B 123 -4.41 36.50 -8.88
C PRO B 123 -5.07 35.33 -8.13
N ILE B 124 -6.11 34.77 -8.74
CA ILE B 124 -6.89 33.66 -8.23
C ILE B 124 -6.43 32.46 -9.06
N PRO B 125 -5.52 31.62 -8.50
CA PRO B 125 -4.81 30.67 -9.33
C PRO B 125 -5.59 29.40 -9.70
N VAL B 126 -6.68 29.55 -10.46
CA VAL B 126 -7.57 28.43 -10.81
C VAL B 126 -6.87 27.29 -11.55
N GLY B 127 -5.89 27.63 -12.38
CA GLY B 127 -5.06 26.65 -13.09
C GLY B 127 -4.26 25.80 -12.13
N GLU B 128 -3.60 26.45 -11.16
CA GLU B 128 -2.78 25.72 -10.19
C GLU B 128 -3.63 24.90 -9.23
N ILE B 129 -4.81 25.40 -8.86
CA ILE B 129 -5.68 24.65 -7.99
C ILE B 129 -6.24 23.40 -8.70
N TYR B 130 -6.69 23.55 -9.95
CA TYR B 130 -7.13 22.42 -10.78
C TYR B 130 -6.01 21.39 -11.00
N LYS B 131 -4.79 21.86 -11.26
CA LYS B 131 -3.65 20.97 -11.46
C LYS B 131 -3.40 20.11 -10.23
N ARG B 132 -3.51 20.72 -9.06
CA ARG B 132 -3.40 20.00 -7.77
C ARG B 132 -4.42 18.86 -7.70
N TRP B 133 -5.68 19.13 -8.06
CA TRP B 133 -6.72 18.13 -8.01
C TRP B 133 -6.44 16.99 -9.01
N ILE B 134 -5.93 17.35 -10.20
CA ILE B 134 -5.61 16.36 -11.21
C ILE B 134 -4.50 15.43 -10.74
N ILE B 135 -3.49 16.02 -10.12
CA ILE B 135 -2.34 15.27 -9.55
C ILE B 135 -2.83 14.33 -8.45
N LEU B 136 -3.75 14.80 -7.62
CA LEU B 136 -4.36 13.97 -6.58
C LEU B 136 -5.01 12.72 -7.20
N GLY B 137 -5.71 12.90 -8.30
CA GLY B 137 -6.32 11.80 -9.03
C GLY B 137 -5.32 10.86 -9.67
N LEU B 138 -4.29 11.41 -10.28
CA LEU B 138 -3.24 10.62 -10.88
C LEU B 138 -2.46 9.77 -9.82
N ASN B 139 -2.20 10.39 -8.67
CA ASN B 139 -1.56 9.70 -7.54
C ASN B 139 -2.36 8.46 -7.14
N LYS B 140 -3.68 8.62 -7.05
CA LYS B 140 -4.60 7.55 -6.71
C LYS B 140 -4.54 6.41 -7.74
N ILE B 141 -4.47 6.79 -9.02
CA ILE B 141 -4.37 5.86 -10.14
C ILE B 141 -3.08 5.04 -10.06
N VAL B 142 -1.98 5.75 -9.87
CA VAL B 142 -0.67 5.11 -9.74
C VAL B 142 -0.66 4.08 -8.61
N ARG B 143 -1.23 4.46 -7.45
CA ARG B 143 -1.27 3.56 -6.29
C ARG B 143 -2.13 2.35 -6.62
N MET B 144 -3.17 2.58 -7.41
CA MET B 144 -4.06 1.55 -7.87
C MET B 144 -3.37 0.57 -8.82
N TYR B 145 -2.60 1.13 -9.75
CA TYR B 145 -1.96 0.35 -10.82
C TYR B 145 -0.70 -0.36 -10.39
N SER B 146 -0.32 -0.18 -9.12
CA SER B 146 0.89 -0.77 -8.54
C SER B 146 0.76 -2.28 -8.61
N PRO B 147 1.64 -2.97 -9.37
CA PRO B 147 1.48 -4.42 -9.55
C PRO B 147 1.90 -5.29 -8.33
N THR B 148 2.75 -4.74 -7.45
CA THR B 148 3.40 -5.50 -6.37
C THR B 148 3.37 -4.72 -5.06
N SER B 149 3.20 -5.49 -3.97
CA SER B 149 3.20 -4.89 -2.64
C SER B 149 4.62 -4.73 -2.19
N ILE B 150 4.85 -3.68 -1.40
CA ILE B 150 6.15 -3.40 -0.80
C ILE B 150 6.64 -4.60 0.05
N LEU B 151 5.69 -5.32 0.64
CA LEU B 151 6.02 -6.48 1.46
C LEU B 151 6.53 -7.67 0.63
N ASP B 152 6.32 -7.67 -0.70
CA ASP B 152 6.82 -8.73 -1.61
C ASP B 152 8.19 -8.45 -2.25
N ILE B 153 8.77 -7.28 -1.96
CA ILE B 153 10.16 -6.99 -2.34
C ILE B 153 11.09 -7.57 -1.28
N ARG B 154 11.68 -8.72 -1.61
CA ARG B 154 12.58 -9.48 -0.72
C ARG B 154 13.91 -9.68 -1.51
N GLN B 155 15.08 -9.39 -0.91
CA GLN B 155 16.36 -9.56 -1.61
C GLN B 155 16.65 -11.02 -1.87
N GLY B 156 17.04 -11.33 -3.09
CA GLY B 156 17.30 -12.70 -3.49
C GLY B 156 18.58 -13.22 -2.88
N PRO B 157 18.74 -14.56 -2.87
CA PRO B 157 19.93 -15.18 -2.27
C PRO B 157 21.24 -14.70 -2.86
N LYS B 158 21.26 -14.49 -4.18
CA LYS B 158 22.47 -14.07 -4.86
C LYS B 158 22.39 -12.61 -5.40
N GLU B 159 21.35 -11.88 -5.02
CA GLU B 159 21.10 -10.55 -5.55
C GLU B 159 21.94 -9.51 -4.84
N PRO B 160 22.72 -8.72 -5.61
CA PRO B 160 23.46 -7.61 -5.00
C PRO B 160 22.53 -6.66 -4.28
N PHE B 161 22.97 -6.18 -3.11
CA PHE B 161 22.15 -5.28 -2.30
C PHE B 161 21.65 -4.05 -3.05
N ARG B 162 22.50 -3.49 -3.90
CA ARG B 162 22.13 -2.31 -4.66
C ARG B 162 20.92 -2.57 -5.55
N ASP B 163 20.85 -3.75 -6.17
CA ASP B 163 19.74 -4.11 -7.05
C ASP B 163 18.45 -4.28 -6.28
N TYR B 164 18.55 -4.88 -5.10
CA TYR B 164 17.40 -5.01 -4.21
C TYR B 164 16.87 -3.64 -3.75
N VAL B 165 17.76 -2.74 -3.35
CA VAL B 165 17.35 -1.40 -2.93
C VAL B 165 16.70 -0.64 -4.09
N ASP B 166 17.24 -0.77 -5.29
CA ASP B 166 16.58 -0.23 -6.49
C ASP B 166 15.13 -0.72 -6.63
N ARG B 167 14.92 -2.02 -6.48
CA ARG B 167 13.59 -2.61 -6.59
C ARG B 167 12.68 -2.11 -5.48
N PHE B 168 13.24 -2.01 -4.28
CA PHE B 168 12.50 -1.63 -3.10
C PHE B 168 11.98 -0.22 -3.23
N TYR B 169 12.82 0.75 -3.58
CA TYR B 169 12.39 2.16 -3.70
C TYR B 169 11.56 2.46 -4.91
N LYS B 170 11.70 1.64 -5.97
CA LYS B 170 10.77 1.74 -7.12
C LYS B 170 9.36 1.39 -6.69
N THR B 171 9.24 0.26 -5.99
CA THR B 171 7.95 -0.20 -5.49
C THR B 171 7.39 0.77 -4.47
N LEU B 172 8.23 1.24 -3.56
CA LEU B 172 7.84 2.19 -2.53
C LEU B 172 7.24 3.43 -3.12
N ARG B 173 7.82 3.91 -4.22
CA ARG B 173 7.34 5.12 -4.86
C ARG B 173 5.94 4.94 -5.39
N ALA B 174 5.71 3.79 -6.03
CA ALA B 174 4.41 3.40 -6.60
C ALA B 174 3.33 3.32 -5.54
N GLU B 175 3.68 2.65 -4.44
CA GLU B 175 2.74 2.35 -3.35
C GLU B 175 2.34 3.56 -2.53
N GLN B 176 3.20 4.55 -2.52
CA GLN B 176 3.12 5.69 -1.60
C GLN B 176 2.69 7.02 -2.26
N ALA B 177 3.35 7.34 -3.37
CA ALA B 177 3.37 8.70 -3.93
C ALA B 177 4.03 9.70 -2.93
N ASN B 183 10.63 7.72 6.34
CA ASN B 183 9.96 7.03 7.42
C ASN B 183 10.73 5.86 8.01
N ALA B 184 10.74 5.83 9.34
CA ALA B 184 11.42 4.79 10.10
C ALA B 184 10.94 3.41 9.69
N ALA B 185 9.63 3.30 9.51
CA ALA B 185 8.95 2.09 9.10
C ALA B 185 9.60 1.47 7.85
N THR B 186 9.84 2.32 6.89
CA THR B 186 10.30 1.90 5.58
C THR B 186 11.73 1.40 5.62
N GLU B 187 12.63 2.09 6.35
CA GLU B 187 14.06 1.68 6.42
C GLU B 187 14.18 0.41 7.27
N THR B 188 13.25 0.30 8.23
CA THR B 188 13.21 -0.92 9.09
C THR B 188 12.81 -2.10 8.27
N LEU B 189 11.87 -1.90 7.36
CA LEU B 189 11.45 -2.92 6.46
C LEU B 189 12.55 -3.24 5.42
N LEU B 190 13.28 -2.22 4.98
CA LEU B 190 14.37 -2.40 4.02
C LEU B 190 15.44 -3.37 4.57
N VAL B 191 15.72 -3.23 5.85
CA VAL B 191 16.70 -4.06 6.50
C VAL B 191 16.13 -5.46 6.75
N GLN B 192 14.90 -5.52 7.25
CA GLN B 192 14.19 -6.76 7.46
C GLN B 192 14.11 -7.66 6.20
N ASN B 193 13.94 -7.03 5.04
CA ASN B 193 13.79 -7.75 3.77
C ASN B 193 15.08 -8.13 3.05
N ALA B 194 16.22 -7.68 3.56
CA ALA B 194 17.51 -8.09 2.98
C ALA B 194 17.80 -9.57 3.27
N ASN B 195 18.75 -10.15 2.53
CA ASN B 195 19.15 -11.54 2.73
C ASN B 195 19.98 -11.71 4.00
N PRO B 196 20.16 -12.97 4.47
CA PRO B 196 20.75 -13.18 5.78
C PRO B 196 22.09 -12.46 6.05
N ASP B 197 23.01 -12.58 5.09
CA ASP B 197 24.35 -12.03 5.23
C ASP B 197 24.36 -10.49 5.29
N CYS B 198 23.68 -9.87 4.34
CA CYS B 198 23.65 -8.42 4.30
C CYS B 198 22.82 -7.83 5.47
N LYS B 199 21.75 -8.51 5.84
CA LYS B 199 20.97 -8.15 7.03
C LYS B 199 21.85 -8.14 8.27
N THR B 200 22.69 -9.17 8.41
CA THR B 200 23.64 -9.25 9.55
C THR B 200 24.53 -7.99 9.62
N ILE B 201 25.03 -7.58 8.44
CA ILE B 201 25.89 -6.41 8.34
C ILE B 201 25.10 -5.12 8.69
N LEU B 202 23.90 -5.00 8.13
CA LEU B 202 23.08 -3.81 8.33
C LEU B 202 22.66 -3.63 9.80
N LYS B 203 22.32 -4.75 10.44
CA LYS B 203 22.00 -4.74 11.85
C LYS B 203 23.22 -4.31 12.68
N ALA B 204 24.40 -4.74 12.26
CA ALA B 204 25.66 -4.38 12.91
C ALA B 204 26.04 -2.89 12.84
N LEU B 205 25.51 -2.18 11.85
CA LEU B 205 25.82 -0.77 11.67
C LEU B 205 25.23 0.13 12.78
N GLY B 206 24.14 -0.31 13.41
CA GLY B 206 23.49 0.46 14.46
C GLY B 206 22.51 1.50 13.96
N PRO B 207 21.96 2.32 14.89
CA PRO B 207 20.87 3.24 14.57
C PRO B 207 21.33 4.46 13.76
N GLY B 208 20.39 5.01 13.01
CA GLY B 208 20.61 6.26 12.29
C GLY B 208 21.38 6.19 11.00
N ALA B 209 21.66 4.98 10.49
CA ALA B 209 22.49 4.84 9.29
C ALA B 209 21.78 5.36 8.04
N THR B 210 22.48 6.12 7.19
CA THR B 210 21.90 6.58 5.92
C THR B 210 21.89 5.47 4.91
N LEU B 211 21.13 5.70 3.84
CA LEU B 211 21.07 4.73 2.75
C LEU B 211 22.43 4.56 2.10
N GLU B 212 23.18 5.65 1.94
CA GLU B 212 24.56 5.59 1.47
C GLU B 212 25.41 4.59 2.26
N GLU B 213 25.33 4.70 3.59
CA GLU B 213 26.09 3.81 4.47
C GLU B 213 25.64 2.37 4.37
N MET B 214 24.33 2.15 4.26
CA MET B 214 23.76 0.81 4.12
C MET B 214 24.24 0.16 2.81
N MET B 215 24.22 0.94 1.72
CA MET B 215 24.65 0.43 0.42
C MET B 215 26.14 0.14 0.39
N THR B 216 26.90 1.01 1.03
CA THR B 216 28.34 0.85 1.16
C THR B 216 28.64 -0.41 1.93
N ALA B 217 27.96 -0.63 3.06
CA ALA B 217 28.25 -1.78 3.91
C ALA B 217 28.08 -3.14 3.20
N CYS B 218 27.04 -3.27 2.38
CA CYS B 218 26.82 -4.52 1.66
C CYS B 218 27.43 -4.60 0.27
N GLN B 219 28.16 -3.56 -0.14
CA GLN B 219 28.93 -3.62 -1.39
C GLN B 219 30.15 -4.54 -1.27
N PRO C 1 26.02 29.21 -25.63
CA PRO C 1 26.68 30.09 -26.53
C PRO C 1 26.20 31.52 -26.46
N ILE C 2 26.87 32.41 -27.16
CA ILE C 2 26.42 33.77 -27.41
C ILE C 2 25.70 33.84 -28.76
N VAL C 3 24.60 34.58 -28.77
CA VAL C 3 23.73 34.66 -29.94
C VAL C 3 23.23 36.10 -30.07
N GLN C 4 22.74 36.44 -31.24
CA GLN C 4 22.12 37.75 -31.48
C GLN C 4 20.62 37.64 -31.23
N ASN C 5 20.13 38.44 -30.31
CA ASN C 5 18.70 38.45 -30.04
C ASN C 5 17.92 39.09 -31.20
N LEU C 6 16.60 39.17 -31.09
CA LEU C 6 15.73 39.73 -32.13
C LEU C 6 16.01 41.21 -32.41
N GLN C 7 16.76 41.90 -31.54
CA GLN C 7 17.11 43.30 -31.76
C GLN C 7 18.63 43.46 -32.03
N GLY C 8 19.30 42.36 -32.39
CA GLY C 8 20.73 42.35 -32.74
C GLY C 8 21.70 42.70 -31.63
N GLN C 9 21.36 42.38 -30.38
CA GLN C 9 22.27 42.48 -29.22
C GLN C 9 22.88 41.10 -28.89
N MET C 10 24.08 41.10 -28.31
CA MET C 10 24.74 39.85 -27.95
C MET C 10 24.32 39.36 -26.61
N VAL C 11 23.73 38.17 -26.57
CA VAL C 11 23.18 37.61 -25.34
C VAL C 11 23.63 36.16 -25.15
N HIS C 12 23.62 35.70 -23.88
CA HIS C 12 23.90 34.29 -23.58
C HIS C 12 22.71 33.41 -23.85
N GLN C 13 22.93 32.25 -24.45
CA GLN C 13 21.90 31.24 -24.67
C GLN C 13 22.45 29.92 -24.14
N CYS C 14 21.61 29.11 -23.52
CA CYS C 14 22.02 27.79 -23.04
C CYS C 14 22.41 26.89 -24.19
N ILE C 15 23.43 26.07 -24.00
CA ILE C 15 23.79 25.09 -25.03
C ILE C 15 22.63 24.12 -25.22
N SER C 16 22.14 23.92 -26.44
CA SER C 16 20.95 23.10 -26.67
C SER C 16 21.24 21.62 -26.44
N PRO C 17 20.21 20.83 -26.06
CA PRO C 17 20.43 19.38 -25.97
C PRO C 17 20.86 18.76 -27.29
N ARG C 18 20.43 19.31 -28.44
CA ARG C 18 20.94 18.81 -29.75
C ARG C 18 22.42 19.02 -29.87
N THR C 19 22.92 20.20 -29.49
CA THR C 19 24.36 20.46 -29.52
C THR C 19 25.10 19.51 -28.59
N LEU C 20 24.60 19.37 -27.35
CA LEU C 20 25.27 18.51 -26.38
C LEU C 20 25.36 17.09 -26.87
N ASN C 21 24.26 16.56 -27.37
CA ASN C 21 24.18 15.20 -27.86
C ASN C 21 25.06 14.96 -29.08
N ALA C 22 25.06 15.92 -30.00
CA ALA C 22 25.87 15.81 -31.23
C ALA C 22 27.32 15.66 -30.93
N TRP C 23 27.83 16.48 -30.01
CA TRP C 23 29.24 16.42 -29.64
C TRP C 23 29.62 15.10 -28.97
N VAL C 24 28.84 14.68 -27.99
CA VAL C 24 29.09 13.39 -27.34
C VAL C 24 29.11 12.21 -28.31
N LYS C 25 28.17 12.22 -29.24
CA LYS C 25 28.06 11.16 -30.26
C LYS C 25 29.23 11.15 -31.24
N VAL C 26 29.66 12.32 -31.72
CA VAL C 26 30.82 12.51 -32.58
C VAL C 26 32.05 11.87 -31.97
N VAL C 27 32.27 12.21 -30.71
CA VAL C 27 33.47 11.74 -30.01
C VAL C 27 33.42 10.23 -29.84
N GLU C 28 32.27 9.71 -29.45
CA GLU C 28 32.11 8.27 -29.29
C GLU C 28 32.30 7.52 -30.60
N GLU C 29 31.77 8.08 -31.68
CA GLU C 29 31.67 7.37 -32.96
C GLU C 29 32.89 7.54 -33.85
N LYS C 30 33.40 8.77 -33.89
CA LYS C 30 34.62 9.07 -34.67
C LYS C 30 35.89 8.81 -33.88
N ALA C 31 35.79 8.63 -32.57
CA ALA C 31 37.01 8.50 -31.72
C ALA C 31 37.86 9.75 -31.97
N PHE C 32 39.14 9.57 -32.32
CA PHE C 32 39.96 10.74 -32.68
C PHE C 32 40.46 10.73 -34.13
N SER C 33 39.54 10.36 -35.00
CA SER C 33 39.68 10.56 -36.41
C SER C 33 39.78 12.04 -36.66
N PRO C 34 40.56 12.45 -37.68
CA PRO C 34 40.75 13.88 -38.00
C PRO C 34 39.48 14.73 -38.10
N GLU C 35 38.40 14.13 -38.62
CA GLU C 35 37.15 14.87 -38.81
C GLU C 35 36.48 15.34 -37.54
N VAL C 36 36.94 14.87 -36.37
CA VAL C 36 36.53 15.36 -35.04
C VAL C 36 36.69 16.86 -34.90
N ILE C 37 37.80 17.34 -35.44
CA ILE C 37 38.21 18.74 -35.22
C ILE C 37 37.30 19.73 -35.92
N PRO C 38 37.05 19.53 -37.24
CA PRO C 38 36.12 20.46 -37.92
C PRO C 38 34.71 20.41 -37.31
N MET C 39 34.32 19.22 -36.85
CA MET C 39 33.03 19.06 -36.21
C MET C 39 32.94 19.84 -34.92
N PHE C 40 34.01 19.78 -34.11
CA PHE C 40 34.11 20.56 -32.90
C PHE C 40 33.96 22.07 -33.23
N SER C 41 34.68 22.52 -34.26
CA SER C 41 34.66 23.91 -34.64
C SER C 41 33.30 24.39 -35.06
N GLU C 42 32.54 23.53 -35.75
CA GLU C 42 31.15 23.82 -36.11
C GLU C 42 30.27 23.86 -34.86
N LEU C 43 30.39 22.85 -34.02
CA LEU C 43 29.48 22.69 -32.87
C LEU C 43 29.59 23.77 -31.83
N SER C 44 30.76 24.38 -31.74
CA SER C 44 31.10 25.35 -30.70
C SER C 44 30.98 26.80 -31.15
N GLU C 45 30.21 27.06 -32.20
CA GLU C 45 30.08 28.43 -32.72
C GLU C 45 29.53 29.31 -31.61
N GLY C 46 30.22 30.41 -31.29
CA GLY C 46 29.81 31.36 -30.26
C GLY C 46 29.94 30.89 -28.84
N ALA C 47 30.64 29.77 -28.64
CA ALA C 47 30.77 29.14 -27.29
C ALA C 47 31.54 30.03 -26.30
N THR C 48 31.09 30.09 -25.06
CA THR C 48 31.87 30.66 -23.99
C THR C 48 32.91 29.65 -23.52
N PRO C 49 33.89 30.08 -22.70
CA PRO C 49 34.79 29.11 -22.06
C PRO C 49 34.07 28.03 -21.28
N GLN C 50 33.01 28.42 -20.57
CA GLN C 50 32.20 27.44 -19.86
C GLN C 50 31.60 26.39 -20.81
N ASP C 51 31.10 26.83 -21.97
CA ASP C 51 30.55 25.91 -22.96
C ASP C 51 31.60 24.96 -23.50
N LEU C 52 32.79 25.46 -23.74
CA LEU C 52 33.90 24.64 -24.22
C LEU C 52 34.28 23.57 -23.19
N ASN C 53 34.30 23.96 -21.92
CA ASN C 53 34.56 23.01 -20.85
C ASN C 53 33.48 21.95 -20.74
N THR C 54 32.23 22.37 -20.88
CA THR C 54 31.08 21.46 -20.95
C THR C 54 31.32 20.39 -22.00
N MET C 55 31.65 20.84 -23.22
CA MET C 55 31.89 19.94 -24.32
C MET C 55 33.01 18.94 -24.02
N LEU C 56 34.11 19.43 -23.48
CA LEU C 56 35.23 18.56 -23.13
C LEU C 56 34.91 17.59 -21.99
N ASN C 57 34.23 18.12 -20.97
CA ASN C 57 33.87 17.31 -19.80
C ASN C 57 32.81 16.23 -20.04
N THR C 58 31.98 16.42 -21.06
CA THR C 58 30.93 15.50 -21.36
C THR C 58 31.40 14.23 -22.07
N VAL C 59 32.65 14.25 -22.53
CA VAL C 59 33.28 13.09 -23.19
C VAL C 59 33.61 12.06 -22.12
N GLY C 60 33.09 10.84 -22.26
CA GLY C 60 33.16 9.84 -21.22
C GLY C 60 34.43 8.99 -21.22
N GLY C 61 34.70 8.46 -22.40
CA GLY C 61 35.89 7.63 -22.58
C GLY C 61 37.02 8.50 -23.06
N HIS C 62 38.01 7.87 -23.69
CA HIS C 62 39.20 8.58 -24.22
C HIS C 62 39.83 9.50 -23.18
N GLN C 63 39.88 9.03 -21.93
CA GLN C 63 40.39 9.84 -20.85
C GLN C 63 41.90 10.12 -20.95
N ALA C 64 42.66 9.27 -21.65
CA ALA C 64 44.07 9.57 -21.96
C ALA C 64 44.15 10.84 -22.80
N ALA C 65 43.35 10.88 -23.87
CA ALA C 65 43.28 12.04 -24.75
C ALA C 65 42.83 13.28 -24.00
N MET C 66 41.86 13.15 -23.12
CA MET C 66 41.32 14.32 -22.45
C MET C 66 42.30 14.88 -21.44
N GLN C 67 43.09 13.98 -20.85
CA GLN C 67 44.16 14.43 -19.96
C GLN C 67 45.27 15.15 -20.71
N MET C 68 45.63 14.64 -21.89
CA MET C 68 46.56 15.35 -22.77
C MET C 68 46.04 16.70 -23.13
N LEU C 69 44.76 16.79 -23.46
CA LEU C 69 44.14 18.07 -23.78
C LEU C 69 44.24 19.07 -22.61
N LYS C 70 44.04 18.59 -21.40
CA LYS C 70 44.14 19.45 -20.22
C LYS C 70 45.56 19.97 -20.04
N GLU C 71 46.55 19.12 -20.31
CA GLU C 71 47.94 19.55 -20.26
C GLU C 71 48.28 20.63 -21.29
N THR C 72 47.75 20.48 -22.51
CA THR C 72 47.97 21.45 -23.58
C THR C 72 47.33 22.78 -23.22
N ILE C 73 46.12 22.74 -22.65
CA ILE C 73 45.44 23.95 -22.20
C ILE C 73 46.25 24.66 -21.13
N ASN C 74 46.79 23.92 -20.18
CA ASN C 74 47.63 24.49 -19.12
C ASN C 74 48.89 25.15 -19.67
N GLU C 75 49.52 24.52 -20.66
CA GLU C 75 50.68 25.09 -21.36
C GLU C 75 50.34 26.38 -22.04
N GLU C 76 49.23 26.42 -22.75
CA GLU C 76 48.78 27.62 -23.47
C GLU C 76 48.38 28.72 -22.50
N ALA C 77 47.79 28.36 -21.37
CA ALA C 77 47.44 29.30 -20.31
C ALA C 77 48.68 29.97 -19.76
N ALA C 78 49.73 29.18 -19.52
CA ALA C 78 51.00 29.68 -19.00
C ALA C 78 51.64 30.65 -19.95
N GLU C 79 51.63 30.30 -21.22
CA GLU C 79 52.17 31.11 -22.31
C GLU C 79 51.40 32.42 -22.42
N TRP C 80 50.08 32.37 -22.26
CA TRP C 80 49.24 33.56 -22.28
C TRP C 80 49.68 34.52 -21.17
N ASP C 81 49.85 34.01 -19.95
CA ASP C 81 50.23 34.82 -18.78
C ASP C 81 51.60 35.48 -18.95
N ARG C 82 52.53 34.73 -19.53
CA ARG C 82 53.87 35.22 -19.85
C ARG C 82 53.82 36.39 -20.84
N LEU C 83 52.93 36.27 -21.81
CA LEU C 83 52.85 37.20 -22.93
C LEU C 83 51.84 38.34 -22.71
N HIS C 84 50.83 38.08 -21.90
CA HIS C 84 49.73 39.03 -21.60
C HIS C 84 49.49 39.06 -20.09
N PRO C 85 50.36 39.71 -19.31
CA PRO C 85 50.15 39.89 -17.86
C PRO C 85 48.96 40.83 -17.58
N VAL C 86 48.26 40.66 -16.45
CA VAL C 86 47.15 41.57 -16.12
C VAL C 86 47.68 42.96 -15.74
N HIS C 87 47.07 43.98 -16.33
CA HIS C 87 47.49 45.37 -16.17
C HIS C 87 46.95 45.91 -14.85
N PRO C 90 42.99 47.65 -10.89
CA PRO C 90 42.07 48.24 -9.91
C PRO C 90 41.12 49.31 -10.52
N ILE C 91 40.78 49.18 -11.81
CA ILE C 91 39.89 50.15 -12.46
C ILE C 91 38.82 49.47 -13.30
N ALA C 92 37.56 49.80 -13.03
CA ALA C 92 36.42 49.23 -13.74
C ALA C 92 35.31 50.28 -13.93
N PRO C 93 35.49 51.19 -14.91
CA PRO C 93 34.47 52.22 -15.17
C PRO C 93 33.34 51.72 -16.06
N GLY C 94 33.19 50.40 -16.15
CA GLY C 94 32.37 49.78 -17.19
C GLY C 94 33.16 48.81 -18.09
N GLN C 95 34.49 48.92 -18.08
CA GLN C 95 35.36 47.90 -18.68
C GLN C 95 35.89 46.96 -17.60
N MET C 96 36.07 45.68 -17.96
CA MET C 96 36.48 44.66 -16.99
C MET C 96 37.99 44.53 -16.74
N ARG C 97 38.31 43.52 -15.95
CA ARG C 97 39.69 43.08 -15.75
C ARG C 97 40.25 42.42 -17.00
N GLU C 98 41.59 42.38 -17.07
CA GLU C 98 42.25 41.63 -18.11
C GLU C 98 42.23 40.14 -17.75
N PRO C 99 41.78 39.30 -18.70
CA PRO C 99 41.70 37.87 -18.39
C PRO C 99 43.05 37.17 -18.43
N ARG C 100 43.30 36.35 -17.41
CA ARG C 100 44.49 35.55 -17.37
C ARG C 100 44.18 34.18 -17.97
N GLY C 101 45.21 33.35 -18.05
CA GLY C 101 45.09 32.07 -18.73
C GLY C 101 43.98 31.21 -18.18
N SER C 102 43.91 31.13 -16.85
CA SER C 102 42.89 30.36 -16.16
C SER C 102 41.46 30.93 -16.36
N ASP C 103 41.36 32.24 -16.62
CA ASP C 103 40.07 32.88 -16.94
C ASP C 103 39.60 32.50 -18.34
N ILE C 104 40.54 32.45 -19.28
CA ILE C 104 40.22 32.04 -20.63
C ILE C 104 39.83 30.58 -20.69
N ALA C 105 40.44 29.74 -19.89
CA ALA C 105 40.08 28.33 -19.77
C ALA C 105 38.78 28.08 -18.98
N GLY C 106 38.18 29.12 -18.42
CA GLY C 106 36.93 28.99 -17.66
C GLY C 106 37.06 28.41 -16.27
N THR C 107 38.28 28.32 -15.75
CA THR C 107 38.52 27.73 -14.39
C THR C 107 38.38 28.77 -13.29
N THR C 108 38.80 30.00 -13.56
CA THR C 108 38.79 31.08 -12.59
C THR C 108 37.95 32.28 -13.05
N SER C 109 37.16 32.09 -14.08
CA SER C 109 36.23 33.13 -14.52
C SER C 109 34.80 32.64 -14.32
N THR C 110 33.90 33.59 -14.06
CA THR C 110 32.47 33.29 -13.95
C THR C 110 31.81 33.42 -15.32
N LEU C 111 30.65 32.80 -15.49
CA LEU C 111 29.90 32.93 -16.74
C LEU C 111 29.65 34.40 -17.10
N GLN C 112 29.27 35.17 -16.08
CA GLN C 112 28.97 36.56 -16.22
C GLN C 112 30.17 37.38 -16.76
N GLU C 113 31.35 37.11 -16.21
CA GLU C 113 32.60 37.73 -16.68
C GLU C 113 32.90 37.36 -18.13
N GLN C 114 32.70 36.07 -18.47
CA GLN C 114 32.95 35.59 -19.84
C GLN C 114 32.06 36.29 -20.82
N ILE C 115 30.77 36.42 -20.49
CA ILE C 115 29.82 37.13 -21.33
C ILE C 115 30.20 38.60 -21.45
N GLY C 116 30.66 39.20 -20.36
CA GLY C 116 31.13 40.59 -20.36
C GLY C 116 32.26 40.84 -21.32
N TRP C 117 33.26 39.95 -21.30
CA TRP C 117 34.41 40.05 -22.21
C TRP C 117 34.01 39.87 -23.68
N MET C 118 33.27 38.80 -23.92
CA MET C 118 32.85 38.40 -25.26
C MET C 118 31.94 39.41 -25.93
N THR C 119 31.12 40.11 -25.17
CA THR C 119 30.14 41.04 -25.70
C THR C 119 30.52 42.50 -25.58
N HIS C 120 31.77 42.75 -25.17
CA HIS C 120 32.29 44.11 -25.02
C HIS C 120 32.48 44.78 -26.39
N ASN C 121 32.61 46.10 -26.38
CA ASN C 121 32.97 46.85 -27.56
C ASN C 121 34.26 47.69 -27.31
N PRO C 122 35.41 47.27 -27.85
CA PRO C 122 35.61 46.09 -28.71
C PRO C 122 35.61 44.78 -27.91
N PRO C 123 35.20 43.67 -28.55
CA PRO C 123 35.11 42.41 -27.82
C PRO C 123 36.47 41.77 -27.53
N ILE C 124 36.58 41.19 -26.35
CA ILE C 124 37.77 40.49 -25.89
C ILE C 124 37.42 39.00 -26.00
N PRO C 125 37.92 38.34 -27.04
CA PRO C 125 37.31 37.10 -27.53
C PRO C 125 37.67 35.86 -26.75
N VAL C 126 37.32 35.77 -25.48
CA VAL C 126 37.83 34.71 -24.60
C VAL C 126 37.38 33.29 -25.03
N GLY C 127 36.20 33.21 -25.63
CA GLY C 127 35.72 31.94 -26.18
C GLY C 127 36.54 31.48 -27.35
N GLU C 128 36.84 32.42 -28.24
CA GLU C 128 37.67 32.10 -29.40
C GLU C 128 39.12 31.77 -29.02
N ILE C 129 39.65 32.47 -28.02
CA ILE C 129 41.00 32.21 -27.57
C ILE C 129 41.10 30.81 -26.96
N TYR C 130 40.16 30.46 -26.09
CA TYR C 130 40.14 29.15 -25.47
C TYR C 130 39.96 28.05 -26.53
N LYS C 131 39.07 28.29 -27.50
CA LYS C 131 38.81 27.30 -28.52
C LYS C 131 40.07 27.07 -29.37
N ARG C 132 40.87 28.13 -29.61
CA ARG C 132 42.19 27.98 -30.26
C ARG C 132 43.06 27.01 -29.53
N TRP C 133 43.16 27.16 -28.21
CA TRP C 133 43.98 26.28 -27.37
C TRP C 133 43.49 24.84 -27.45
N ILE C 134 42.19 24.67 -27.43
CA ILE C 134 41.58 23.36 -27.49
C ILE C 134 41.89 22.67 -28.80
N ILE C 135 41.77 23.41 -29.88
CA ILE C 135 42.05 22.88 -31.21
C ILE C 135 43.54 22.49 -31.35
N LEU C 136 44.42 23.31 -30.78
CA LEU C 136 45.84 22.95 -30.69
C LEU C 136 46.07 21.60 -30.01
N GLY C 137 45.35 21.38 -28.91
CA GLY C 137 45.41 20.13 -28.18
C GLY C 137 44.84 18.99 -28.97
N LEU C 138 43.71 19.21 -29.65
CA LEU C 138 43.08 18.17 -30.45
C LEU C 138 43.96 17.76 -31.62
N ASN C 139 44.62 18.73 -32.23
CA ASN C 139 45.56 18.42 -33.30
C ASN C 139 46.64 17.44 -32.87
N LYS C 140 47.18 17.64 -31.67
CA LYS C 140 48.19 16.75 -31.09
C LYS C 140 47.67 15.35 -30.88
N ILE C 141 46.45 15.26 -30.39
CA ILE C 141 45.78 14.00 -30.13
C ILE C 141 45.51 13.25 -31.46
N VAL C 142 45.00 13.95 -32.46
CA VAL C 142 44.76 13.35 -33.78
C VAL C 142 46.05 12.78 -34.36
N ARG C 143 47.15 13.54 -34.22
CA ARG C 143 48.44 13.10 -34.74
C ARG C 143 48.92 11.86 -33.99
N MET C 144 48.81 11.87 -32.66
CA MET C 144 49.29 10.77 -31.85
C MET C 144 48.52 9.48 -32.13
N TYR C 145 47.22 9.60 -32.33
CA TYR C 145 46.32 8.47 -32.53
C TYR C 145 46.37 7.91 -33.95
N SER C 146 46.85 8.73 -34.89
CA SER C 146 47.12 8.22 -36.22
C SER C 146 48.27 7.20 -36.13
N LYS C 147 48.05 5.97 -36.59
CA LYS C 147 49.09 4.91 -36.53
C LYS C 147 50.25 5.10 -37.53
N PRO D 1 -25.58 -26.58 5.51
CA PRO D 1 -26.27 -27.75 6.04
C PRO D 1 -26.10 -28.97 5.14
N ILE D 2 -26.34 -30.15 5.71
CA ILE D 2 -26.38 -31.37 4.91
C ILE D 2 -27.84 -31.82 4.73
N VAL D 3 -28.21 -32.27 3.52
CA VAL D 3 -29.52 -32.91 3.24
C VAL D 3 -29.40 -34.17 2.38
N GLN D 4 -30.43 -35.01 2.38
CA GLN D 4 -30.46 -36.13 1.45
C GLN D 4 -31.22 -35.68 0.20
N ASN D 5 -30.58 -35.80 -0.98
CA ASN D 5 -31.19 -35.53 -2.30
C ASN D 5 -32.29 -36.57 -2.59
N LEU D 6 -33.14 -36.32 -3.59
CA LEU D 6 -34.22 -37.26 -3.93
C LEU D 6 -33.64 -38.60 -4.44
N GLN D 7 -32.55 -38.53 -5.21
CA GLN D 7 -31.80 -39.72 -5.67
C GLN D 7 -31.18 -40.52 -4.50
N GLY D 8 -30.66 -39.83 -3.51
CA GLY D 8 -30.10 -40.48 -2.36
C GLY D 8 -28.75 -39.94 -1.94
N GLN D 9 -28.36 -38.80 -2.50
CA GLN D 9 -27.04 -38.23 -2.31
C GLN D 9 -27.06 -37.23 -1.12
N MET D 10 -26.09 -37.32 -0.18
CA MET D 10 -26.07 -36.42 1.00
C MET D 10 -25.36 -35.12 0.54
N VAL D 11 -26.15 -34.17 0.08
CA VAL D 11 -25.65 -32.96 -0.61
C VAL D 11 -25.61 -31.78 0.34
N HIS D 12 -24.61 -30.92 0.23
CA HIS D 12 -24.52 -29.77 1.12
C HIS D 12 -25.40 -28.63 0.60
N GLN D 13 -26.28 -28.08 1.43
CA GLN D 13 -27.00 -26.86 1.11
C GLN D 13 -26.12 -25.69 1.52
N ALA D 14 -26.22 -24.61 0.77
CA ALA D 14 -25.47 -23.39 1.06
C ALA D 14 -25.83 -22.81 2.42
N ILE D 15 -24.85 -22.27 3.12
CA ILE D 15 -25.11 -21.45 4.31
C ILE D 15 -26.00 -20.26 3.94
N SER D 16 -27.06 -19.99 4.69
CA SER D 16 -28.04 -18.98 4.26
C SER D 16 -27.44 -17.57 4.35
N PRO D 17 -27.78 -16.67 3.42
CA PRO D 17 -27.45 -15.27 3.59
C PRO D 17 -27.96 -14.68 4.89
N ARG D 18 -29.11 -15.14 5.41
CA ARG D 18 -29.59 -14.70 6.73
C ARG D 18 -28.62 -15.05 7.82
N THR D 19 -28.13 -16.29 7.83
CA THR D 19 -27.10 -16.74 8.78
C THR D 19 -25.85 -15.90 8.67
N LEU D 20 -25.35 -15.76 7.45
CA LEU D 20 -24.09 -15.01 7.22
C LEU D 20 -24.20 -13.59 7.72
N ASN D 21 -25.28 -12.91 7.34
CA ASN D 21 -25.50 -11.53 7.74
C ASN D 21 -25.68 -11.36 9.25
N ALA D 22 -26.41 -12.27 9.87
CA ALA D 22 -26.65 -12.22 11.32
C ALA D 22 -25.35 -12.28 12.11
N TRP D 23 -24.47 -13.18 11.72
CA TRP D 23 -23.19 -13.33 12.39
C TRP D 23 -22.28 -12.11 12.19
N VAL D 24 -22.16 -11.63 10.97
CA VAL D 24 -21.45 -10.37 10.69
C VAL D 24 -21.94 -9.22 11.58
N LYS D 25 -23.25 -9.09 11.71
CA LYS D 25 -23.88 -8.02 12.49
C LYS D 25 -23.60 -8.15 13.99
N VAL D 26 -23.69 -9.35 14.54
CA VAL D 26 -23.38 -9.68 15.94
C VAL D 26 -21.97 -9.21 16.31
N VAL D 27 -21.02 -9.59 15.45
CA VAL D 27 -19.62 -9.33 15.70
C VAL D 27 -19.37 -7.83 15.64
N GLU D 28 -19.91 -7.18 14.62
CA GLU D 28 -19.67 -5.76 14.49
C GLU D 28 -20.39 -4.95 15.58
N GLU D 29 -21.54 -5.41 16.01
CA GLU D 29 -22.38 -4.62 16.89
C GLU D 29 -22.12 -4.90 18.37
N LYS D 30 -21.84 -6.16 18.72
CA LYS D 30 -21.82 -6.59 20.13
C LYS D 30 -20.41 -6.69 20.74
N ALA D 31 -19.41 -6.07 20.08
CA ALA D 31 -18.00 -6.16 20.48
C ALA D 31 -17.64 -7.62 20.68
N PHE D 32 -17.11 -7.97 21.84
CA PHE D 32 -16.98 -9.40 22.15
C PHE D 32 -17.55 -9.63 23.54
N SER D 33 -18.80 -9.22 23.65
CA SER D 33 -19.59 -9.52 24.82
C SER D 33 -19.75 -11.05 24.85
N PRO D 34 -19.83 -11.65 26.06
CA PRO D 34 -19.81 -13.13 26.12
C PRO D 34 -20.96 -13.80 25.40
N GLU D 35 -22.09 -13.11 25.22
CA GLU D 35 -23.24 -13.66 24.47
C GLU D 35 -22.95 -13.99 23.03
N VAL D 36 -21.84 -13.50 22.50
CA VAL D 36 -21.41 -13.79 21.15
C VAL D 36 -21.17 -15.29 20.94
N ILE D 37 -20.70 -15.96 21.98
CA ILE D 37 -20.33 -17.37 21.83
C ILE D 37 -21.53 -18.32 21.66
N PRO D 38 -22.57 -18.22 22.50
CA PRO D 38 -23.77 -19.04 22.22
C PRO D 38 -24.41 -18.69 20.87
N MET D 39 -24.36 -17.41 20.51
CA MET D 39 -24.92 -16.95 19.26
C MET D 39 -24.21 -17.56 18.05
N PHE D 40 -22.88 -17.55 18.09
CA PHE D 40 -22.09 -18.28 17.12
C PHE D 40 -22.49 -19.75 17.04
N SER D 41 -22.60 -20.38 18.21
CA SER D 41 -22.90 -21.79 18.25
C SER D 41 -24.30 -22.11 17.71
N ALA D 42 -25.25 -21.20 17.92
CA ALA D 42 -26.58 -21.25 17.35
C ALA D 42 -26.52 -21.15 15.82
N LEU D 43 -25.81 -20.12 15.35
CA LEU D 43 -25.84 -19.78 13.92
C LEU D 43 -25.11 -20.82 13.05
N SER D 44 -24.21 -21.55 13.68
CA SER D 44 -23.41 -22.58 13.01
C SER D 44 -23.89 -23.99 13.26
N CYS D 45 -25.15 -24.13 13.66
CA CYS D 45 -25.74 -25.44 13.93
C CYS D 45 -25.64 -26.29 12.67
N GLY D 46 -25.08 -27.50 12.82
CA GLY D 46 -24.89 -28.43 11.72
C GLY D 46 -23.88 -28.06 10.64
N ALA D 47 -23.10 -27.00 10.86
CA ALA D 47 -22.28 -26.40 9.83
C ALA D 47 -21.11 -27.30 9.43
N THR D 48 -20.79 -27.30 8.13
CA THR D 48 -19.52 -27.87 7.65
C THR D 48 -18.38 -26.90 7.92
N PRO D 49 -17.12 -27.41 7.84
CA PRO D 49 -15.97 -26.52 8.00
C PRO D 49 -15.96 -25.36 7.01
N GLN D 50 -16.40 -25.62 5.77
CA GLN D 50 -16.58 -24.56 4.78
C GLN D 50 -17.49 -23.45 5.29
N ASP D 51 -18.63 -23.83 5.86
CA ASP D 51 -19.61 -22.88 6.37
C ASP D 51 -19.02 -22.03 7.49
N LEU D 52 -18.28 -22.68 8.39
CA LEU D 52 -17.67 -21.99 9.51
C LEU D 52 -16.67 -20.96 9.02
N ASN D 53 -15.85 -21.36 8.03
CA ASN D 53 -14.90 -20.44 7.43
C ASN D 53 -15.56 -19.27 6.75
N CYS D 54 -16.66 -19.54 6.03
CA CYS D 54 -17.48 -18.50 5.43
C CYS D 54 -17.86 -17.46 6.42
N MET D 55 -18.42 -17.91 7.53
CA MET D 55 -18.85 -17.01 8.61
C MET D 55 -17.73 -16.17 9.12
N LEU D 56 -16.58 -16.81 9.42
CA LEU D 56 -15.41 -16.10 9.94
C LEU D 56 -14.85 -15.12 8.92
N ASN D 57 -14.77 -15.57 7.66
CA ASN D 57 -14.17 -14.76 6.62
C ASN D 57 -14.99 -13.58 6.17
N THR D 58 -16.30 -13.61 6.37
CA THR D 58 -17.15 -12.52 5.91
C THR D 58 -17.09 -11.32 6.84
N VAL D 59 -16.45 -11.48 8.03
CA VAL D 59 -16.36 -10.41 8.99
C VAL D 59 -15.23 -9.52 8.50
N GLY D 60 -15.46 -8.22 8.41
CA GLY D 60 -14.41 -7.32 7.94
C GLY D 60 -13.88 -6.29 8.93
N GLY D 61 -14.09 -6.49 10.25
CA GLY D 61 -14.04 -5.36 11.17
C GLY D 61 -13.02 -5.46 12.27
N HIS D 62 -13.33 -6.36 13.19
CA HIS D 62 -12.47 -6.60 14.30
C HIS D 62 -11.39 -7.56 13.82
N GLN D 63 -10.57 -7.04 12.91
CA GLN D 63 -9.48 -7.80 12.29
C GLN D 63 -8.37 -8.25 13.26
N ALA D 64 -8.14 -7.48 14.33
CA ALA D 64 -7.21 -7.94 15.37
C ALA D 64 -7.73 -9.22 16.01
N ALA D 65 -9.03 -9.20 16.38
CA ALA D 65 -9.67 -10.38 16.94
C ALA D 65 -9.65 -11.58 15.97
N MET D 66 -9.89 -11.32 14.68
CA MET D 66 -9.96 -12.41 13.72
C MET D 66 -8.58 -13.03 13.49
N GLN D 67 -7.55 -12.20 13.57
CA GLN D 67 -6.18 -12.70 13.51
C GLN D 67 -5.79 -13.58 14.71
N MET D 68 -6.21 -13.16 15.90
CA MET D 68 -6.09 -14.00 17.09
C MET D 68 -6.79 -15.33 16.92
N LEU D 69 -8.00 -15.27 16.37
CA LEU D 69 -8.75 -16.48 16.11
C LEU D 69 -8.05 -17.43 15.16
N LYS D 70 -7.43 -16.86 14.12
CA LYS D 70 -6.63 -17.63 13.16
C LYS D 70 -5.52 -18.39 13.85
N GLU D 71 -4.84 -17.70 14.76
CA GLU D 71 -3.74 -18.27 15.53
C GLU D 71 -4.21 -19.42 16.40
N THR D 72 -5.38 -19.29 17.04
CA THR D 72 -5.91 -20.33 17.90
C THR D 72 -6.25 -21.57 17.09
N ILE D 73 -6.86 -21.33 15.94
CA ILE D 73 -7.23 -22.41 15.02
C ILE D 73 -6.00 -23.18 14.57
N ASN D 74 -4.94 -22.44 14.23
CA ASN D 74 -3.67 -23.04 13.81
C ASN D 74 -3.03 -23.88 14.89
N GLU D 75 -3.08 -23.41 16.13
CA GLU D 75 -2.59 -24.15 17.29
C GLU D 75 -3.32 -25.47 17.45
N GLU D 76 -4.65 -25.42 17.37
CA GLU D 76 -5.47 -26.61 17.54
C GLU D 76 -5.27 -27.60 16.37
N ALA D 77 -5.08 -27.05 15.16
CA ALA D 77 -4.80 -27.89 14.00
C ALA D 77 -3.50 -28.63 14.15
N ALA D 78 -2.49 -27.94 14.67
CA ALA D 78 -1.17 -28.54 14.89
C ALA D 78 -1.22 -29.63 15.92
N GLU D 79 -1.98 -29.42 17.00
CA GLU D 79 -2.18 -30.41 18.04
C GLU D 79 -2.89 -31.64 17.50
N TRP D 80 -3.86 -31.42 16.62
CA TRP D 80 -4.57 -32.52 15.97
C TRP D 80 -3.60 -33.41 15.21
N ASP D 81 -2.75 -32.80 14.40
CA ASP D 81 -1.80 -33.54 13.58
C ASP D 81 -0.78 -34.32 14.44
N ARG D 82 -0.39 -33.71 15.53
CA ARG D 82 0.49 -34.30 16.51
C ARG D 82 -0.13 -35.53 17.15
N LEU D 83 -1.42 -35.46 17.43
CA LEU D 83 -2.17 -36.57 18.04
C LEU D 83 -2.70 -37.59 17.03
N HIS D 84 -2.77 -37.22 15.75
CA HIS D 84 -3.28 -38.12 14.71
C HIS D 84 -2.29 -38.36 13.54
N PRO D 85 -1.21 -39.13 13.75
CA PRO D 85 -0.28 -39.43 12.65
C PRO D 85 -0.88 -40.41 11.62
N VAL D 86 -0.36 -40.39 10.39
CA VAL D 86 -0.91 -41.18 9.28
C VAL D 86 -0.74 -42.69 9.52
N HIS D 87 -1.84 -43.43 9.44
CA HIS D 87 -1.93 -44.82 9.95
C HIS D 87 -1.26 -45.82 9.04
N GLY D 94 -9.14 -48.50 3.59
CA GLY D 94 -10.48 -48.71 4.14
C GLY D 94 -11.55 -47.92 3.42
N GLN D 95 -12.41 -47.23 4.19
CA GLN D 95 -13.52 -46.46 3.60
C GLN D 95 -13.01 -45.20 2.90
N MET D 96 -12.29 -44.36 3.63
CA MET D 96 -11.92 -43.02 3.17
C MET D 96 -10.60 -42.54 3.75
N ARG D 97 -10.23 -41.32 3.40
CA ARG D 97 -8.98 -40.67 3.86
C ARG D 97 -9.13 -40.23 5.32
N GLU D 98 -8.04 -40.17 6.08
CA GLU D 98 -8.09 -39.78 7.51
C GLU D 98 -7.98 -38.25 7.59
N PRO D 99 -8.88 -37.58 8.33
CA PRO D 99 -8.84 -36.12 8.32
C PRO D 99 -7.74 -35.57 9.24
N ARG D 100 -6.98 -34.61 8.74
CA ARG D 100 -5.95 -34.00 9.56
C ARG D 100 -6.31 -32.55 9.85
N GLY D 101 -5.50 -31.89 10.67
CA GLY D 101 -5.85 -30.61 11.27
C GLY D 101 -6.28 -29.57 10.25
N SER D 102 -5.51 -29.43 9.18
CA SER D 102 -5.81 -28.48 8.11
C SER D 102 -7.08 -28.83 7.30
N ASP D 103 -7.44 -30.12 7.30
CA ASP D 103 -8.69 -30.57 6.67
C ASP D 103 -9.89 -30.17 7.53
N ILE D 104 -9.75 -30.30 8.84
CA ILE D 104 -10.79 -29.92 9.76
C ILE D 104 -11.02 -28.40 9.71
N ALA D 105 -9.94 -27.62 9.57
CA ALA D 105 -10.03 -26.16 9.47
C ALA D 105 -10.53 -25.66 8.10
N GLY D 106 -10.75 -26.59 7.17
CA GLY D 106 -11.34 -26.26 5.87
C GLY D 106 -10.44 -25.58 4.89
N THR D 107 -9.14 -25.63 5.15
CA THR D 107 -8.15 -25.04 4.26
C THR D 107 -7.68 -26.04 3.24
N THR D 108 -7.55 -27.31 3.62
CA THR D 108 -6.96 -28.33 2.75
C THR D 108 -7.91 -29.46 2.40
N SER D 109 -9.17 -29.32 2.79
CA SER D 109 -10.19 -30.30 2.45
C SER D 109 -11.17 -29.72 1.45
N THR D 110 -11.71 -30.61 0.61
CA THR D 110 -12.79 -30.25 -0.31
C THR D 110 -14.11 -30.42 0.41
N LEU D 111 -15.13 -29.67 -0.04
CA LEU D 111 -16.44 -29.75 0.55
C LEU D 111 -16.95 -31.20 0.55
N GLN D 112 -16.72 -31.88 -0.57
CA GLN D 112 -17.16 -33.24 -0.75
C GLN D 112 -16.56 -34.22 0.27
N GLU D 113 -15.27 -34.08 0.51
CA GLU D 113 -14.56 -34.85 1.56
C GLU D 113 -15.13 -34.56 2.94
N GLN D 114 -15.38 -33.27 3.23
CA GLN D 114 -15.94 -32.84 4.52
C GLN D 114 -17.29 -33.49 4.74
N ILE D 115 -18.15 -33.45 3.72
CA ILE D 115 -19.47 -34.09 3.79
C ILE D 115 -19.34 -35.59 4.00
N GLY D 116 -18.39 -36.21 3.30
CA GLY D 116 -18.11 -37.63 3.46
C GLY D 116 -17.77 -38.02 4.89
N TRP D 117 -16.88 -37.26 5.52
CA TRP D 117 -16.48 -37.53 6.91
C TRP D 117 -17.64 -37.34 7.87
N MET D 118 -18.31 -36.19 7.73
CA MET D 118 -19.41 -35.79 8.63
C MET D 118 -20.59 -36.75 8.60
N THR D 119 -20.87 -37.31 7.43
CA THR D 119 -22.03 -38.15 7.20
C THR D 119 -21.72 -39.65 7.19
N HIS D 120 -20.50 -40.00 7.55
CA HIS D 120 -20.07 -41.38 7.60
C HIS D 120 -20.72 -42.11 8.78
N ASN D 121 -20.67 -43.45 8.73
CA ASN D 121 -21.09 -44.29 9.83
C ASN D 121 -19.95 -45.22 10.26
N PRO D 122 -19.26 -44.95 11.38
CA PRO D 122 -19.51 -43.85 12.32
C PRO D 122 -19.06 -42.49 11.80
N PRO D 123 -19.73 -41.38 12.22
CA PRO D 123 -19.35 -40.06 11.70
C PRO D 123 -18.05 -39.54 12.30
N ILE D 124 -17.22 -38.93 11.45
CA ILE D 124 -16.04 -38.20 11.91
C ILE D 124 -16.42 -36.72 11.83
N PRO D 125 -16.79 -36.11 12.97
CA PRO D 125 -17.54 -34.86 12.93
C PRO D 125 -16.66 -33.64 12.74
N VAL D 126 -16.10 -33.48 11.54
CA VAL D 126 -15.10 -32.43 11.30
C VAL D 126 -15.66 -31.01 11.48
N GLY D 127 -16.94 -30.84 11.19
CA GLY D 127 -17.61 -29.57 11.44
C GLY D 127 -17.65 -29.22 12.91
N GLU D 128 -18.01 -30.20 13.73
CA GLU D 128 -18.08 -29.96 15.18
C GLU D 128 -16.69 -29.77 15.81
N ILE D 129 -15.69 -30.48 15.30
CA ILE D 129 -14.35 -30.32 15.80
C ILE D 129 -13.81 -28.91 15.48
N TYR D 130 -13.97 -28.48 14.23
CA TYR D 130 -13.60 -27.13 13.82
C TYR D 130 -14.34 -26.04 14.62
N LYS D 131 -15.63 -26.23 14.82
CA LYS D 131 -16.43 -25.27 15.56
C LYS D 131 -15.93 -25.15 16.98
N ARG D 132 -15.54 -26.29 17.54
CA ARG D 132 -14.97 -26.33 18.90
C ARG D 132 -13.72 -25.48 18.97
N TRP D 133 -12.84 -25.60 17.97
CA TRP D 133 -11.60 -24.82 17.95
C TRP D 133 -11.92 -23.33 17.84
N ILE D 134 -12.90 -22.98 17.02
CA ILE D 134 -13.32 -21.59 16.84
C ILE D 134 -13.84 -21.00 18.15
N ILE D 135 -14.63 -21.77 18.84
CA ILE D 135 -15.17 -21.35 20.12
C ILE D 135 -14.07 -21.17 21.16
N LEU D 136 -13.09 -22.06 21.15
CA LEU D 136 -11.91 -21.92 22.00
C LEU D 136 -11.23 -20.58 21.78
N GLY D 137 -11.08 -20.23 20.52
CA GLY D 137 -10.50 -18.96 20.14
C GLY D 137 -11.34 -17.77 20.55
N LEU D 138 -12.65 -17.87 20.36
CA LEU D 138 -13.55 -16.84 20.78
C LEU D 138 -13.54 -16.64 22.31
N ASN D 139 -13.43 -17.73 23.05
CA ASN D 139 -13.30 -17.64 24.50
C ASN D 139 -12.12 -16.79 24.92
N LYS D 140 -10.98 -16.94 24.25
CA LYS D 140 -9.80 -16.16 24.52
C LYS D 140 -10.04 -14.66 24.27
N ILE D 141 -10.73 -14.37 23.17
CA ILE D 141 -11.08 -13.00 22.82
C ILE D 141 -12.04 -12.38 23.84
N VAL D 142 -13.08 -13.11 24.22
CA VAL D 142 -14.02 -12.63 25.21
C VAL D 142 -13.35 -12.33 26.55
N ARG D 143 -12.43 -13.21 26.97
CA ARG D 143 -11.66 -13.00 28.21
C ARG D 143 -10.78 -11.71 28.03
N MET D 144 -10.20 -11.52 26.85
CA MET D 144 -9.40 -10.35 26.56
C MET D 144 -10.19 -9.04 26.64
N TYR D 145 -11.41 -9.08 26.12
CA TYR D 145 -12.22 -7.90 25.90
C TYR D 145 -13.08 -7.51 27.11
N SER D 146 -13.08 -8.36 28.15
CA SER D 146 -13.72 -8.06 29.43
C SER D 146 -13.13 -6.76 30.02
N PRO D 147 -13.94 -5.69 30.17
CA PRO D 147 -13.40 -4.38 30.60
C PRO D 147 -12.99 -4.27 32.08
N THR D 148 -13.59 -5.10 32.92
CA THR D 148 -13.40 -5.00 34.37
C THR D 148 -13.17 -6.40 34.97
N SER D 149 -12.33 -6.44 36.00
CA SER D 149 -12.18 -7.64 36.80
C SER D 149 -13.32 -7.75 37.79
N ILE D 150 -13.67 -9.00 38.09
CA ILE D 150 -14.66 -9.34 39.12
C ILE D 150 -14.42 -8.65 40.46
N LEU D 151 -13.13 -8.55 40.81
CA LEU D 151 -12.74 -7.97 42.08
C LEU D 151 -13.02 -6.45 42.16
N ASP D 152 -13.20 -5.79 41.01
CA ASP D 152 -13.46 -4.35 40.96
C ASP D 152 -14.95 -3.98 40.84
N ILE D 153 -15.83 -4.99 40.84
CA ILE D 153 -17.31 -4.74 40.85
C ILE D 153 -17.78 -4.55 42.28
N ARG D 154 -18.03 -3.29 42.62
CA ARG D 154 -18.60 -2.90 43.90
C ARG D 154 -19.88 -2.10 43.67
N GLN D 155 -20.90 -2.35 44.48
CA GLN D 155 -22.14 -1.60 44.43
C GLN D 155 -21.92 -0.15 44.85
N GLY D 156 -22.45 0.77 44.06
CA GLY D 156 -22.47 2.19 44.42
C GLY D 156 -23.37 2.48 45.61
N PRO D 157 -23.14 3.61 46.29
CA PRO D 157 -23.87 3.89 47.54
C PRO D 157 -25.41 3.95 47.34
N LYS D 158 -25.85 4.50 46.21
CA LYS D 158 -27.27 4.65 45.91
C LYS D 158 -27.72 3.74 44.74
N GLU D 159 -26.85 2.82 44.32
CA GLU D 159 -27.13 1.91 43.20
C GLU D 159 -28.06 0.79 43.63
N PRO D 160 -29.20 0.65 42.92
CA PRO D 160 -30.10 -0.48 43.21
C PRO D 160 -29.38 -1.80 43.15
N PHE D 161 -29.66 -2.69 44.10
CA PHE D 161 -29.02 -3.99 44.15
C PHE D 161 -29.21 -4.79 42.86
N ARG D 162 -30.38 -4.67 42.22
CA ARG D 162 -30.65 -5.30 40.92
C ARG D 162 -29.60 -4.96 39.87
N ASP D 163 -29.28 -3.68 39.78
CA ASP D 163 -28.32 -3.19 38.80
C ASP D 163 -26.91 -3.63 39.09
N TYR D 164 -26.56 -3.68 40.38
CA TYR D 164 -25.28 -4.18 40.81
C TYR D 164 -25.11 -5.66 40.45
N VAL D 165 -26.15 -6.46 40.74
CA VAL D 165 -26.10 -7.88 40.41
C VAL D 165 -25.99 -8.12 38.91
N ASP D 166 -26.72 -7.33 38.11
CA ASP D 166 -26.59 -7.38 36.66
C ASP D 166 -25.13 -7.16 36.21
N ARG D 167 -24.49 -6.13 36.77
CA ARG D 167 -23.11 -5.83 36.38
C ARG D 167 -22.15 -6.92 36.87
N PHE D 168 -22.41 -7.45 38.06
CA PHE D 168 -21.57 -8.47 38.67
C PHE D 168 -21.53 -9.75 37.83
N TYR D 169 -22.71 -10.26 37.47
CA TYR D 169 -22.77 -11.50 36.73
C TYR D 169 -22.42 -11.35 35.24
N LYS D 170 -22.59 -10.14 34.69
CA LYS D 170 -22.04 -9.82 33.35
C LYS D 170 -20.53 -9.99 33.33
N THR D 171 -19.87 -9.39 34.30
CA THR D 171 -18.42 -9.48 34.45
C THR D 171 -17.94 -10.91 34.69
N LEU D 172 -18.64 -11.60 35.59
CA LEU D 172 -18.29 -12.96 35.90
C LEU D 172 -18.39 -13.87 34.67
N ARG D 173 -19.41 -13.65 33.84
CA ARG D 173 -19.59 -14.46 32.62
C ARG D 173 -18.50 -14.23 31.60
N ALA D 174 -18.06 -12.97 31.45
CA ALA D 174 -16.98 -12.57 30.56
C ALA D 174 -15.65 -13.21 30.97
N GLU D 175 -15.40 -13.20 32.26
CA GLU D 175 -14.15 -13.70 32.83
C GLU D 175 -14.02 -15.23 32.77
N GLN D 176 -15.14 -15.94 32.77
CA GLN D 176 -15.19 -17.41 32.72
C GLN D 176 -14.32 -18.02 31.64
N ASN D 183 -13.11 -21.10 39.86
CA ASN D 183 -13.79 -20.84 41.12
C ASN D 183 -15.18 -21.52 41.22
N ALA D 184 -15.78 -21.43 42.42
CA ALA D 184 -17.16 -21.89 42.68
C ALA D 184 -18.23 -20.90 42.19
N ALA D 185 -17.79 -19.94 41.35
CA ALA D 185 -18.47 -18.70 41.03
C ALA D 185 -18.99 -18.13 42.36
N THR D 186 -18.08 -17.64 43.21
CA THR D 186 -18.37 -17.45 44.63
C THR D 186 -19.27 -16.24 44.90
N GLU D 187 -20.28 -16.47 45.75
CA GLU D 187 -21.20 -15.43 46.18
C GLU D 187 -20.63 -14.65 47.35
N THR D 188 -19.53 -15.18 47.93
CA THR D 188 -18.74 -14.52 48.99
C THR D 188 -18.32 -13.07 48.61
N LEU D 189 -17.74 -12.95 47.42
CA LEU D 189 -17.39 -11.65 46.84
C LEU D 189 -18.61 -10.77 46.53
N LEU D 190 -19.69 -11.37 46.05
CA LEU D 190 -20.91 -10.62 45.71
C LEU D 190 -21.44 -9.87 46.93
N VAL D 191 -21.41 -10.56 48.08
CA VAL D 191 -21.89 -9.98 49.32
C VAL D 191 -20.91 -8.96 49.86
N GLN D 192 -19.61 -9.26 49.82
CA GLN D 192 -18.60 -8.36 50.34
C GLN D 192 -18.57 -6.98 49.66
N ASN D 193 -18.83 -6.99 48.37
CA ASN D 193 -18.83 -5.78 47.55
C ASN D 193 -20.16 -5.03 47.47
N ALA D 194 -21.20 -5.53 48.15
CA ALA D 194 -22.48 -4.75 48.24
C ALA D 194 -22.29 -3.52 49.10
N ASN D 195 -23.22 -2.55 48.96
CA ASN D 195 -23.13 -1.27 49.68
C ASN D 195 -23.49 -1.46 51.16
N PRO D 196 -23.15 -0.48 52.03
CA PRO D 196 -23.40 -0.68 53.46
C PRO D 196 -24.84 -1.10 53.85
N ASP D 197 -25.86 -0.46 53.25
CA ASP D 197 -27.29 -0.77 53.51
C ASP D 197 -27.66 -2.20 53.18
N CYS D 198 -27.39 -2.53 51.92
CA CYS D 198 -27.77 -3.82 51.42
C CYS D 198 -26.85 -4.92 52.00
N LYS D 199 -25.57 -4.61 52.22
CA LYS D 199 -24.64 -5.56 52.83
C LYS D 199 -25.12 -6.03 54.22
N THR D 200 -25.59 -5.09 55.03
CA THR D 200 -26.11 -5.45 56.35
C THR D 200 -27.30 -6.40 56.25
N ILE D 201 -28.18 -6.16 55.28
CA ILE D 201 -29.33 -7.03 55.01
C ILE D 201 -28.87 -8.42 54.54
N LEU D 202 -27.90 -8.46 53.60
CA LEU D 202 -27.42 -9.72 53.05
C LEU D 202 -26.66 -10.55 54.09
N LYS D 203 -25.88 -9.89 54.94
CA LYS D 203 -25.25 -10.54 56.11
C LYS D 203 -26.31 -11.16 57.03
N ALA D 204 -27.43 -10.47 57.22
CA ALA D 204 -28.54 -10.94 58.05
C ALA D 204 -29.28 -12.17 57.49
N LEU D 205 -29.33 -12.25 56.15
CA LEU D 205 -30.02 -13.39 55.54
C LEU D 205 -29.29 -14.73 55.69
N GLY D 206 -28.00 -14.67 55.98
CA GLY D 206 -27.18 -15.85 56.24
C GLY D 206 -26.54 -16.36 54.96
N PRO D 207 -25.66 -17.38 55.06
CA PRO D 207 -25.25 -18.14 53.86
C PRO D 207 -26.39 -19.00 53.30
N GLY D 208 -26.35 -19.29 52.01
CA GLY D 208 -27.39 -20.11 51.37
C GLY D 208 -28.72 -19.42 51.06
N ALA D 209 -28.81 -18.10 51.20
CA ALA D 209 -29.94 -17.33 50.66
C ALA D 209 -29.91 -17.41 49.12
N THR D 210 -31.07 -17.62 48.49
CA THR D 210 -31.16 -17.63 47.02
C THR D 210 -31.07 -16.22 46.45
N LEU D 211 -30.72 -16.13 45.18
CA LEU D 211 -30.56 -14.81 44.57
C LEU D 211 -31.88 -14.05 44.54
N GLU D 212 -32.98 -14.76 44.27
CA GLU D 212 -34.31 -14.17 44.31
C GLU D 212 -34.57 -13.49 45.66
N GLU D 213 -34.24 -14.20 46.75
CA GLU D 213 -34.42 -13.70 48.11
C GLU D 213 -33.54 -12.48 48.38
N MET D 214 -32.30 -12.52 47.91
CA MET D 214 -31.39 -11.38 48.06
C MET D 214 -31.88 -10.15 47.32
N MET D 215 -32.35 -10.35 46.10
CA MET D 215 -32.84 -9.22 45.32
C MET D 215 -34.12 -8.64 45.90
N THR D 216 -34.99 -9.50 46.42
CA THR D 216 -36.20 -9.04 47.10
C THR D 216 -35.85 -8.27 48.36
N ALA D 217 -34.93 -8.80 49.16
CA ALA D 217 -34.54 -8.16 50.42
C ALA D 217 -33.99 -6.74 50.23
N CYS D 218 -33.18 -6.53 49.19
CA CYS D 218 -32.61 -5.21 48.94
C CYS D 218 -33.39 -4.33 47.97
N GLN D 219 -34.57 -4.80 47.53
CA GLN D 219 -35.44 -4.02 46.67
C GLN D 219 -36.15 -2.93 47.44
N PRO E 1 -28.39 -23.06 -9.91
CA PRO E 1 -27.23 -23.86 -10.27
C PRO E 1 -27.65 -25.19 -10.90
N ILE E 2 -27.64 -26.27 -10.13
CA ILE E 2 -27.92 -27.64 -10.62
C ILE E 2 -29.15 -28.22 -9.89
N VAL E 3 -29.87 -29.15 -10.53
CA VAL E 3 -31.03 -29.87 -9.91
C VAL E 3 -31.11 -31.29 -10.48
N GLN E 4 -31.95 -32.18 -9.90
CA GLN E 4 -32.30 -33.49 -10.51
C GLN E 4 -33.59 -33.40 -11.36
N ASN E 5 -33.45 -33.77 -12.64
CA ASN E 5 -34.47 -33.56 -13.70
C ASN E 5 -35.76 -34.38 -13.61
N MET E 10 -30.58 -32.90 -15.47
CA MET E 10 -30.18 -31.81 -14.59
C MET E 10 -30.36 -30.47 -15.30
N VAL E 11 -31.46 -29.76 -15.02
CA VAL E 11 -31.63 -28.39 -15.51
C VAL E 11 -31.09 -27.36 -14.51
N HIS E 12 -31.14 -26.09 -14.90
CA HIS E 12 -30.56 -25.01 -14.11
C HIS E 12 -31.54 -24.57 -13.04
N GLN E 13 -31.09 -24.41 -11.79
CA GLN E 13 -31.88 -23.77 -10.75
C GLN E 13 -31.66 -22.28 -10.83
N ALA E 14 -32.65 -21.51 -10.40
CA ALA E 14 -32.46 -20.08 -10.22
C ALA E 14 -31.54 -19.79 -9.05
N ILE E 15 -31.15 -18.55 -8.95
CA ILE E 15 -30.44 -18.04 -7.76
C ILE E 15 -31.45 -17.23 -6.93
N SER E 16 -31.50 -17.48 -5.61
CA SER E 16 -32.63 -16.99 -4.82
C SER E 16 -32.60 -15.47 -4.67
N PRO E 17 -33.79 -14.82 -4.67
CA PRO E 17 -33.79 -13.37 -4.50
C PRO E 17 -33.13 -12.91 -3.19
N ARG E 18 -33.23 -13.71 -2.13
CA ARG E 18 -32.52 -13.42 -0.89
C ARG E 18 -30.96 -13.38 -1.08
N THR E 19 -30.42 -14.37 -1.78
CA THR E 19 -29.00 -14.40 -2.12
C THR E 19 -28.62 -13.22 -2.98
N LEU E 20 -29.38 -12.97 -4.05
CA LEU E 20 -29.03 -11.85 -4.93
C LEU E 20 -29.06 -10.52 -4.22
N ASN E 21 -30.06 -10.26 -3.38
CA ASN E 21 -30.14 -9.07 -2.55
C ASN E 21 -28.99 -8.90 -1.59
N ALA E 22 -28.61 -9.98 -0.90
CA ALA E 22 -27.45 -9.93 0.02
C ALA E 22 -26.16 -9.44 -0.68
N TRP E 23 -25.91 -10.02 -1.83
CA TRP E 23 -24.75 -9.66 -2.66
C TRP E 23 -24.81 -8.22 -3.15
N VAL E 24 -25.92 -7.81 -3.73
CA VAL E 24 -26.08 -6.41 -4.16
C VAL E 24 -25.85 -5.43 -3.00
N LYS E 25 -26.36 -5.75 -1.80
CA LYS E 25 -26.18 -4.91 -0.60
C LYS E 25 -24.72 -4.78 -0.19
N VAL E 26 -24.00 -5.90 -0.14
CA VAL E 26 -22.56 -5.95 0.20
C VAL E 26 -21.76 -5.03 -0.71
N VAL E 27 -22.00 -5.18 -2.01
CA VAL E 27 -21.26 -4.44 -3.02
C VAL E 27 -21.55 -2.95 -2.93
N GLU E 28 -22.82 -2.59 -2.78
CA GLU E 28 -23.20 -1.18 -2.65
C GLU E 28 -22.65 -0.55 -1.37
N GLU E 29 -22.65 -1.31 -0.28
CA GLU E 29 -22.34 -0.78 1.04
C GLU E 29 -20.86 -0.83 1.42
N LYS E 30 -20.17 -1.90 1.01
CA LYS E 30 -18.78 -2.15 1.41
C LYS E 30 -17.74 -1.78 0.35
N ALA E 31 -18.16 -1.13 -0.73
CA ALA E 31 -17.28 -0.76 -1.85
C ALA E 31 -16.49 -2.00 -2.30
N PHE E 32 -15.17 -1.95 -2.26
CA PHE E 32 -14.34 -3.14 -2.41
C PHE E 32 -13.46 -3.36 -1.17
N SER E 33 -14.12 -3.29 -0.01
CA SER E 33 -13.54 -3.77 1.22
C SER E 33 -13.21 -5.27 1.04
N PRO E 34 -12.10 -5.74 1.67
CA PRO E 34 -11.66 -7.14 1.42
C PRO E 34 -12.72 -8.22 1.69
N GLU E 35 -13.63 -7.98 2.64
CA GLU E 35 -14.66 -8.96 3.00
C GLU E 35 -15.65 -9.27 1.88
N VAL E 36 -15.66 -8.49 0.82
CA VAL E 36 -16.50 -8.79 -0.34
C VAL E 36 -16.10 -10.13 -1.02
N ILE E 37 -14.82 -10.46 -0.94
CA ILE E 37 -14.30 -11.66 -1.61
C ILE E 37 -14.75 -12.96 -0.98
N PRO E 38 -14.66 -13.10 0.36
CA PRO E 38 -15.24 -14.35 0.94
C PRO E 38 -16.75 -14.41 0.72
N MET E 39 -17.41 -13.25 0.76
CA MET E 39 -18.83 -13.16 0.60
C MET E 39 -19.28 -13.68 -0.77
N PHE E 40 -18.58 -13.23 -1.82
CA PHE E 40 -18.86 -13.71 -3.17
C PHE E 40 -18.72 -15.25 -3.24
N SER E 41 -17.63 -15.75 -2.68
CA SER E 41 -17.37 -17.18 -2.68
C SER E 41 -18.42 -18.00 -1.92
N CYS E 42 -18.97 -17.46 -0.83
CA CYS E 42 -20.02 -18.12 -0.12
C CYS E 42 -21.40 -17.97 -0.73
N LEU E 43 -21.64 -16.92 -1.53
CA LEU E 43 -22.92 -16.75 -2.21
C LEU E 43 -23.02 -17.51 -3.55
N SER E 44 -21.89 -17.83 -4.14
CA SER E 44 -21.79 -18.59 -5.37
C SER E 44 -21.48 -20.08 -5.16
N GLU E 45 -21.85 -20.63 -4.01
CA GLU E 45 -21.60 -22.06 -3.76
C GLU E 45 -22.23 -22.95 -4.81
N GLY E 46 -21.42 -23.49 -5.73
CA GLY E 46 -21.89 -24.38 -6.79
C GLY E 46 -22.49 -23.71 -8.02
N ALA E 47 -22.21 -22.41 -8.18
CA ALA E 47 -22.76 -21.67 -9.33
C ALA E 47 -22.16 -22.09 -10.66
N THR E 48 -22.99 -22.06 -11.70
CA THR E 48 -22.53 -22.17 -13.08
C THR E 48 -21.90 -20.85 -13.53
N PRO E 49 -21.12 -20.89 -14.64
CA PRO E 49 -20.55 -19.66 -15.17
C PRO E 49 -21.61 -18.54 -15.45
N GLN E 50 -22.76 -18.95 -15.95
CA GLN E 50 -23.85 -18.02 -16.17
C GLN E 50 -24.31 -17.35 -14.86
N ASP E 51 -24.41 -18.13 -13.78
CA ASP E 51 -24.82 -17.59 -12.48
C ASP E 51 -23.83 -16.58 -11.96
N LEU E 52 -22.54 -16.88 -12.13
CA LEU E 52 -21.46 -16.01 -11.71
C LEU E 52 -21.55 -14.68 -12.46
N ASN E 53 -21.78 -14.76 -13.77
CA ASN E 53 -21.95 -13.56 -14.60
C ASN E 53 -23.17 -12.73 -14.20
N GLU E 54 -24.27 -13.40 -13.89
CA GLU E 54 -25.47 -12.76 -13.34
C GLU E 54 -25.12 -11.90 -12.12
N MET E 55 -24.42 -12.53 -11.18
CA MET E 55 -24.00 -11.84 -9.96
C MET E 55 -23.13 -10.63 -10.25
N LEU E 56 -22.15 -10.80 -11.13
CA LEU E 56 -21.26 -9.74 -11.55
C LEU E 56 -21.97 -8.58 -12.22
N ASN E 57 -22.92 -8.87 -13.13
CA ASN E 57 -23.58 -7.76 -13.85
C ASN E 57 -24.51 -6.89 -13.00
N THR E 58 -25.01 -7.41 -11.88
CA THR E 58 -25.81 -6.64 -10.93
C THR E 58 -24.95 -5.60 -10.18
N VAL E 59 -25.47 -4.39 -9.97
CA VAL E 59 -24.66 -3.25 -9.46
C VAL E 59 -23.22 -3.17 -10.02
N GLY E 60 -23.16 -3.22 -11.34
CA GLY E 60 -21.94 -2.99 -12.08
C GLY E 60 -21.60 -1.54 -12.33
N GLY E 61 -21.73 -0.71 -11.29
CA GLY E 61 -21.25 0.67 -11.34
C GLY E 61 -19.72 0.71 -11.34
N HIS E 62 -19.15 1.92 -11.19
CA HIS E 62 -17.68 2.10 -11.21
C HIS E 62 -17.14 1.15 -12.27
N GLN E 63 -17.47 1.54 -13.50
CA GLN E 63 -17.07 0.86 -14.73
C GLN E 63 -15.57 0.57 -14.83
N ALA E 64 -14.75 1.31 -14.09
CA ALA E 64 -13.34 1.03 -14.04
C ALA E 64 -13.10 -0.36 -13.44
N ALA E 65 -13.76 -0.67 -12.33
CA ALA E 65 -13.61 -1.95 -11.66
C ALA E 65 -14.03 -3.14 -12.54
N MET E 66 -15.20 -2.99 -13.16
CA MET E 66 -15.73 -4.04 -14.04
C MET E 66 -14.84 -4.28 -15.25
N GLN E 67 -14.27 -3.21 -15.77
CA GLN E 67 -13.31 -3.31 -16.88
C GLN E 67 -12.04 -4.05 -16.49
N MET E 68 -11.52 -3.73 -15.31
CA MET E 68 -10.33 -4.41 -14.79
C MET E 68 -10.60 -5.88 -14.54
N LEU E 69 -11.78 -6.18 -14.01
CA LEU E 69 -12.21 -7.58 -13.81
C LEU E 69 -12.27 -8.33 -15.13
N LYS E 70 -12.85 -7.66 -16.12
CA LYS E 70 -12.98 -8.23 -17.46
C LYS E 70 -11.60 -8.53 -18.04
N GLU E 71 -10.65 -7.63 -17.84
CA GLU E 71 -9.29 -7.82 -18.31
C GLU E 71 -8.60 -9.03 -17.66
N THR E 72 -8.81 -9.22 -16.36
CA THR E 72 -8.23 -10.36 -15.65
C THR E 72 -8.82 -11.68 -16.13
N ILE E 73 -10.14 -11.68 -16.32
CA ILE E 73 -10.78 -12.87 -16.84
C ILE E 73 -10.29 -13.21 -18.27
N ASN E 74 -10.09 -12.19 -19.11
CA ASN E 74 -9.58 -12.40 -20.44
C ASN E 74 -8.15 -12.96 -20.45
N GLU E 75 -7.33 -12.48 -19.53
CA GLU E 75 -5.97 -13.02 -19.32
C GLU E 75 -5.98 -14.51 -18.94
N GLU E 76 -6.85 -14.85 -18.00
CA GLU E 76 -6.98 -16.25 -17.55
C GLU E 76 -7.57 -17.15 -18.63
N ALA E 77 -8.48 -16.60 -19.43
CA ALA E 77 -9.06 -17.30 -20.57
C ALA E 77 -8.00 -17.62 -21.60
N ALA E 78 -7.12 -16.66 -21.87
CA ALA E 78 -6.04 -16.83 -22.83
C ALA E 78 -5.05 -17.91 -22.36
N GLU E 79 -4.71 -17.90 -21.08
CA GLU E 79 -3.88 -18.93 -20.46
C GLU E 79 -4.51 -20.32 -20.52
N TRP E 80 -5.81 -20.39 -20.30
CA TRP E 80 -6.57 -21.63 -20.45
C TRP E 80 -6.40 -22.21 -21.87
N ASP E 81 -6.57 -21.38 -22.89
CA ASP E 81 -6.44 -21.82 -24.29
C ASP E 81 -5.03 -22.30 -24.61
N ARG E 82 -4.03 -21.62 -24.05
CA ARG E 82 -2.63 -22.01 -24.17
C ARG E 82 -2.37 -23.38 -23.55
N LEU E 83 -2.98 -23.63 -22.40
CA LEU E 83 -2.77 -24.89 -21.66
C LEU E 83 -3.80 -25.96 -22.00
N HIS E 84 -4.99 -25.52 -22.41
CA HIS E 84 -6.18 -26.37 -22.60
C HIS E 84 -6.87 -25.98 -23.94
N PRO E 85 -6.31 -26.45 -25.07
CA PRO E 85 -6.88 -26.12 -26.39
C PRO E 85 -8.16 -26.90 -26.66
N MET E 96 -20.81 -33.50 -26.80
CA MET E 96 -20.64 -32.16 -26.26
C MET E 96 -19.25 -31.63 -26.51
N ARG E 97 -19.19 -30.38 -26.98
CA ARG E 97 -17.93 -29.73 -27.32
C ARG E 97 -17.12 -29.35 -26.06
N GLU E 98 -15.80 -29.25 -26.19
CA GLU E 98 -14.93 -28.93 -25.05
C GLU E 98 -14.80 -27.42 -24.86
N PRO E 99 -14.87 -26.95 -23.58
CA PRO E 99 -15.01 -25.51 -23.32
C PRO E 99 -13.73 -24.73 -23.54
N ARG E 100 -13.86 -23.63 -24.26
CA ARG E 100 -12.76 -22.70 -24.51
C ARG E 100 -12.82 -21.64 -23.41
N GLY E 101 -11.84 -20.74 -23.42
CA GLY E 101 -11.75 -19.67 -22.42
C GLY E 101 -13.03 -18.87 -22.29
N SER E 102 -13.59 -18.47 -23.42
CA SER E 102 -14.83 -17.69 -23.44
C SER E 102 -16.06 -18.50 -23.00
N ASP E 103 -16.00 -19.83 -23.12
CA ASP E 103 -17.06 -20.71 -22.68
C ASP E 103 -17.10 -20.82 -21.17
N ILE E 104 -15.92 -20.95 -20.57
CA ILE E 104 -15.80 -21.01 -19.11
C ILE E 104 -16.23 -19.67 -18.49
N ALA E 105 -15.92 -18.56 -19.14
CA ALA E 105 -16.35 -17.23 -18.69
C ALA E 105 -17.85 -16.92 -18.93
N GLY E 106 -18.56 -17.85 -19.57
CA GLY E 106 -20.00 -17.70 -19.81
C GLY E 106 -20.36 -16.74 -20.91
N THR E 107 -19.38 -16.36 -21.74
CA THR E 107 -19.63 -15.38 -22.81
C THR E 107 -20.10 -16.04 -24.11
N THR E 108 -19.56 -17.21 -24.42
CA THR E 108 -19.80 -17.88 -25.69
C THR E 108 -20.33 -19.30 -25.52
N SER E 109 -20.74 -19.65 -24.30
CA SER E 109 -21.24 -21.00 -23.99
C SER E 109 -22.73 -20.96 -23.68
N THR E 110 -23.41 -22.08 -23.93
CA THR E 110 -24.83 -22.21 -23.58
C THR E 110 -24.93 -22.73 -22.15
N LEU E 111 -25.99 -22.34 -21.44
CA LEU E 111 -26.21 -22.81 -20.09
C LEU E 111 -26.22 -24.35 -20.05
N GLN E 112 -26.86 -24.95 -21.05
CA GLN E 112 -26.96 -26.39 -21.14
C GLN E 112 -25.61 -27.09 -21.27
N GLU E 113 -24.73 -26.52 -22.08
CA GLU E 113 -23.35 -27.01 -22.22
C GLU E 113 -22.59 -26.88 -20.91
N GLN E 114 -22.77 -25.74 -20.23
CA GLN E 114 -22.12 -25.50 -18.91
C GLN E 114 -22.55 -26.57 -17.90
N ILE E 115 -23.86 -26.84 -17.85
CA ILE E 115 -24.42 -27.86 -16.98
C ILE E 115 -23.85 -29.24 -17.33
N GLY E 116 -23.78 -29.53 -18.63
CA GLY E 116 -23.19 -30.77 -19.12
C GLY E 116 -21.77 -31.02 -18.64
N TRP E 117 -20.93 -30.00 -18.76
CA TRP E 117 -19.52 -30.06 -18.33
C TRP E 117 -19.41 -30.27 -16.81
N MET E 118 -20.14 -29.43 -16.07
CA MET E 118 -20.20 -29.51 -14.61
C MET E 118 -20.80 -30.81 -14.09
N THR E 119 -21.75 -31.37 -14.84
CA THR E 119 -22.43 -32.60 -14.41
C THR E 119 -21.95 -33.87 -15.13
N HIS E 120 -20.86 -33.75 -15.89
CA HIS E 120 -20.26 -34.87 -16.61
C HIS E 120 -19.60 -35.85 -15.64
N ASN E 121 -19.34 -37.07 -16.10
CA ASN E 121 -18.52 -38.02 -15.32
C ASN E 121 -17.35 -38.53 -16.17
N PRO E 122 -16.12 -38.04 -15.94
CA PRO E 122 -15.74 -37.10 -14.85
C PRO E 122 -16.17 -35.66 -15.12
N PRO E 123 -16.45 -34.87 -14.05
CA PRO E 123 -16.93 -33.51 -14.27
C PRO E 123 -15.81 -32.57 -14.69
N ILE E 124 -16.18 -31.65 -15.58
CA ILE E 124 -15.28 -30.61 -16.07
C ILE E 124 -15.68 -29.35 -15.29
N PRO E 125 -14.99 -29.03 -14.15
CA PRO E 125 -15.64 -28.13 -13.21
C PRO E 125 -15.65 -26.67 -13.66
N VAL E 126 -16.33 -26.34 -14.75
CA VAL E 126 -16.20 -25.02 -15.38
C VAL E 126 -16.65 -23.87 -14.49
N GLY E 127 -17.66 -24.14 -13.67
CA GLY E 127 -18.14 -23.15 -12.70
C GLY E 127 -17.07 -22.84 -11.66
N GLU E 128 -16.42 -23.88 -11.13
CA GLU E 128 -15.36 -23.67 -10.11
C GLU E 128 -14.12 -23.04 -10.71
N ILE E 129 -13.79 -23.37 -11.95
CA ILE E 129 -12.63 -22.79 -12.60
C ILE E 129 -12.86 -21.29 -12.87
N TYR E 130 -14.03 -20.94 -13.40
CA TYR E 130 -14.41 -19.55 -13.61
C TYR E 130 -14.46 -18.77 -12.31
N LYS E 131 -15.02 -19.36 -11.25
CA LYS E 131 -15.11 -18.69 -9.95
C LYS E 131 -13.70 -18.37 -9.42
N ARG E 132 -12.78 -19.29 -9.63
CA ARG E 132 -11.38 -19.11 -9.26
C ARG E 132 -10.81 -17.89 -9.97
N TRP E 133 -11.04 -17.80 -11.27
CA TRP E 133 -10.52 -16.69 -12.04
C TRP E 133 -11.21 -15.38 -11.63
N ILE E 134 -12.49 -15.43 -11.32
CA ILE E 134 -13.24 -14.25 -10.89
C ILE E 134 -12.67 -13.72 -9.59
N ILE E 135 -12.39 -14.62 -8.65
CA ILE E 135 -11.82 -14.26 -7.34
C ILE E 135 -10.43 -13.66 -7.52
N LEU E 136 -9.63 -14.22 -8.42
CA LEU E 136 -8.33 -13.65 -8.79
C LEU E 136 -8.48 -12.18 -9.26
N GLY E 137 -9.48 -11.93 -10.10
CA GLY E 137 -9.80 -10.58 -10.56
C GLY E 137 -10.27 -9.66 -9.46
N LEU E 138 -11.14 -10.16 -8.60
CA LEU E 138 -11.64 -9.37 -7.47
C LEU E 138 -10.51 -9.03 -6.47
N ASN E 139 -9.63 -9.99 -6.22
CA ASN E 139 -8.50 -9.78 -5.36
C ASN E 139 -7.64 -8.64 -5.88
N LYS E 140 -7.41 -8.63 -7.19
CA LYS E 140 -6.66 -7.58 -7.84
C LYS E 140 -7.33 -6.21 -7.68
N ILE E 141 -8.64 -6.17 -7.80
CA ILE E 141 -9.42 -4.93 -7.64
C ILE E 141 -9.33 -4.41 -6.21
N VAL E 142 -9.52 -5.31 -5.25
CA VAL E 142 -9.48 -4.96 -3.85
C VAL E 142 -8.13 -4.37 -3.47
N ARG E 143 -7.04 -5.02 -3.90
CA ARG E 143 -5.67 -4.50 -3.68
C ARG E 143 -5.48 -3.14 -4.34
N MET E 144 -5.96 -3.04 -5.56
CA MET E 144 -5.95 -1.84 -6.38
C MET E 144 -6.66 -0.66 -5.67
N TYR E 145 -7.81 -0.94 -5.07
CA TYR E 145 -8.65 0.10 -4.48
C TYR E 145 -8.37 0.35 -3.00
N SER E 146 -7.37 -0.34 -2.47
CA SER E 146 -6.87 -0.08 -1.10
C SER E 146 -6.36 1.36 -1.06
N PRO E 147 -6.94 2.21 -0.19
CA PRO E 147 -6.54 3.63 -0.16
C PRO E 147 -5.22 3.93 0.53
N THR E 148 -4.74 3.01 1.37
CA THR E 148 -3.60 3.25 2.27
C THR E 148 -2.57 2.13 2.23
N SER E 149 -1.32 2.55 2.34
CA SER E 149 -0.23 1.59 2.45
C SER E 149 -0.15 1.10 3.89
N ILE E 150 0.25 -0.15 4.06
CA ILE E 150 0.52 -0.71 5.38
C ILE E 150 1.56 0.12 6.16
N LEU E 151 2.50 0.72 5.44
CA LEU E 151 3.51 1.57 6.03
C LEU E 151 2.94 2.87 6.64
N ASP E 152 1.74 3.28 6.25
CA ASP E 152 1.09 4.50 6.79
C ASP E 152 0.10 4.24 7.94
N ILE E 153 -0.03 2.98 8.37
CA ILE E 153 -0.81 2.67 9.57
C ILE E 153 0.09 2.76 10.77
N ARG E 154 -0.07 3.85 11.49
CA ARG E 154 0.75 4.20 12.65
C ARG E 154 -0.16 4.45 13.86
N GLN E 155 0.16 3.87 15.01
CA GLN E 155 -0.65 4.03 16.19
C GLN E 155 -0.62 5.45 16.69
N GLY E 156 -1.79 6.01 16.95
CA GLY E 156 -1.94 7.37 17.46
C GLY E 156 -1.46 7.49 18.89
N PRO E 157 -1.14 8.71 19.32
CA PRO E 157 -0.63 8.90 20.69
C PRO E 157 -1.64 8.45 21.77
N LYS E 158 -2.94 8.65 21.50
CA LYS E 158 -3.98 8.29 22.43
C LYS E 158 -4.84 7.08 21.96
N GLU E 159 -4.43 6.44 20.87
CA GLU E 159 -5.16 5.30 20.35
C GLU E 159 -4.85 4.02 21.13
N PRO E 160 -5.88 3.34 21.63
CA PRO E 160 -5.69 2.02 22.22
C PRO E 160 -5.04 1.06 21.25
N PHE E 161 -4.11 0.24 21.75
CA PHE E 161 -3.36 -0.70 20.89
C PHE E 161 -4.29 -1.61 20.11
N ARG E 162 -5.37 -2.05 20.73
CA ARG E 162 -6.38 -2.90 20.09
C ARG E 162 -6.93 -2.26 18.80
N ASP E 163 -7.21 -0.95 18.83
CA ASP E 163 -7.75 -0.25 17.69
C ASP E 163 -6.74 -0.10 16.59
N TYR E 164 -5.48 0.15 16.97
CA TYR E 164 -4.38 0.19 16.00
C TYR E 164 -4.17 -1.15 15.32
N VAL E 165 -4.18 -2.23 16.09
CA VAL E 165 -4.03 -3.57 15.50
C VAL E 165 -5.20 -3.90 14.55
N ASP E 166 -6.43 -3.52 14.91
CA ASP E 166 -7.58 -3.64 14.03
C ASP E 166 -7.32 -2.93 12.69
N ARG E 167 -6.82 -1.69 12.75
CA ARG E 167 -6.56 -0.93 11.53
C ARG E 167 -5.45 -1.53 10.71
N PHE E 168 -4.43 -2.03 11.41
CA PHE E 168 -3.25 -2.61 10.79
C PHE E 168 -3.63 -3.84 9.99
N TYR E 169 -4.34 -4.79 10.59
CA TYR E 169 -4.70 -6.01 9.88
C TYR E 169 -5.80 -5.86 8.82
N LYS E 170 -6.63 -4.84 8.97
CA LYS E 170 -7.59 -4.41 7.92
C LYS E 170 -6.83 -4.04 6.65
N THR E 171 -5.86 -3.16 6.82
CA THR E 171 -5.01 -2.71 5.72
C THR E 171 -4.18 -3.82 5.14
N LEU E 172 -3.58 -4.64 5.99
CA LEU E 172 -2.79 -5.80 5.56
C LEU E 172 -3.59 -6.74 4.68
N ARG E 173 -4.85 -6.98 5.06
CA ARG E 173 -5.71 -7.88 4.30
C ARG E 173 -6.00 -7.32 2.92
N ALA E 174 -6.25 -6.01 2.84
CA ALA E 174 -6.54 -5.33 1.57
C ALA E 174 -5.35 -5.35 0.61
N GLU E 175 -4.17 -5.14 1.17
CA GLU E 175 -2.92 -5.11 0.39
C GLU E 175 -2.52 -6.50 -0.12
N GLN E 176 -2.09 -7.34 0.82
CA GLN E 176 -1.75 -8.74 0.61
C GLN E 176 -0.83 -8.97 -0.60
N ASN E 183 3.29 -13.68 3.70
CA ASN E 183 4.42 -13.70 4.64
C ASN E 183 4.18 -12.89 5.95
N ALA E 184 4.77 -13.40 7.03
CA ALA E 184 4.85 -12.71 8.31
C ALA E 184 6.10 -11.78 8.25
N ALA E 185 6.79 -11.53 9.37
CA ALA E 185 7.82 -10.49 9.41
C ALA E 185 7.17 -9.10 9.22
N THR E 186 5.89 -9.09 8.94
CA THR E 186 5.02 -7.92 8.99
C THR E 186 4.89 -7.48 10.45
N GLU E 187 4.89 -8.45 11.36
CA GLU E 187 4.90 -8.27 12.79
C GLU E 187 5.92 -7.20 13.14
N THR E 188 7.12 -7.33 12.53
CA THR E 188 8.22 -6.37 12.70
C THR E 188 7.63 -4.98 12.50
N LEU E 189 6.92 -4.85 11.38
CA LEU E 189 6.28 -3.60 11.03
C LEU E 189 5.22 -3.21 12.05
N LEU E 190 4.44 -4.19 12.51
CA LEU E 190 3.42 -3.98 13.54
C LEU E 190 4.03 -3.31 14.80
N VAL E 191 5.21 -3.78 15.18
CA VAL E 191 5.87 -3.22 16.33
C VAL E 191 6.50 -1.86 16.00
N GLN E 192 7.13 -1.74 14.83
CA GLN E 192 7.76 -0.49 14.44
C GLN E 192 6.78 0.67 14.31
N ASN E 193 5.56 0.39 13.86
CA ASN E 193 4.54 1.41 13.69
C ASN E 193 3.69 1.69 14.92
N ALA E 194 3.91 0.94 16.01
CA ALA E 194 3.26 1.21 17.29
C ALA E 194 3.77 2.49 17.91
N ASN E 195 3.05 3.04 18.88
CA ASN E 195 3.48 4.29 19.54
C ASN E 195 4.64 4.04 20.50
N PRO E 196 5.35 5.11 20.93
CA PRO E 196 6.49 4.96 21.81
C PRO E 196 6.29 4.02 23.05
N ASP E 197 5.17 4.22 23.75
CA ASP E 197 4.76 3.51 24.97
C ASP E 197 4.59 2.03 24.73
N CYS E 198 3.74 1.73 23.75
CA CYS E 198 3.42 0.34 23.40
C CYS E 198 4.61 -0.37 22.82
N LYS E 199 5.37 0.33 21.99
CA LYS E 199 6.57 -0.25 21.39
C LYS E 199 7.55 -0.67 22.47
N THR E 200 7.73 0.17 23.49
CA THR E 200 8.55 -0.16 24.66
C THR E 200 8.15 -1.47 25.32
N ILE E 201 6.84 -1.62 25.51
CA ILE E 201 6.29 -2.82 26.12
C ILE E 201 6.47 -4.03 25.20
N LEU E 202 6.21 -3.86 23.92
CA LEU E 202 6.33 -4.97 22.99
C LEU E 202 7.77 -5.44 22.79
N LYS E 203 8.69 -4.47 22.76
CA LYS E 203 10.10 -4.78 22.62
C LYS E 203 10.60 -5.51 23.86
N ALA E 204 10.09 -5.16 25.03
CA ALA E 204 10.37 -5.88 26.26
C ALA E 204 9.77 -7.32 26.29
N LEU E 205 8.72 -7.54 25.50
CA LEU E 205 8.08 -8.86 25.44
C LEU E 205 8.95 -9.94 24.82
N GLY E 206 9.88 -9.54 23.98
CA GLY E 206 10.81 -10.46 23.37
C GLY E 206 10.35 -10.84 21.99
N PRO E 207 11.23 -11.55 21.25
CA PRO E 207 10.84 -12.10 19.95
C PRO E 207 9.90 -13.29 20.09
N GLY E 208 9.08 -13.51 19.06
CA GLY E 208 8.16 -14.63 19.01
C GLY E 208 6.90 -14.52 19.85
N ALA E 209 6.59 -13.31 20.32
CA ALA E 209 5.36 -13.09 21.08
C ALA E 209 4.15 -13.23 20.14
N THR E 210 3.10 -13.88 20.62
CA THR E 210 1.86 -14.03 19.84
C THR E 210 1.07 -12.72 19.84
N LEU E 211 0.13 -12.62 18.90
CA LEU E 211 -0.71 -11.44 18.83
C LEU E 211 -1.54 -11.25 20.10
N GLU E 212 -2.09 -12.35 20.63
CA GLU E 212 -2.80 -12.32 21.89
C GLU E 212 -1.97 -11.67 23.01
N GLU E 213 -0.71 -12.10 23.10
CA GLU E 213 0.21 -11.58 24.12
C GLU E 213 0.53 -10.12 23.93
N MET E 214 0.70 -9.73 22.69
CA MET E 214 0.95 -8.33 22.36
C MET E 214 -0.22 -7.45 22.72
N MET E 215 -1.43 -7.91 22.39
CA MET E 215 -2.62 -7.12 22.67
C MET E 215 -2.89 -6.99 24.16
N THR E 216 -2.63 -8.08 24.90
CA THR E 216 -2.71 -8.09 26.35
C THR E 216 -1.71 -7.09 26.93
N ALA E 217 -0.45 -7.14 26.46
CA ALA E 217 0.60 -6.33 27.08
C ALA E 217 0.35 -4.84 26.97
N CYS E 218 -0.26 -4.37 25.87
CA CYS E 218 -0.53 -2.97 25.71
C CYS E 218 -1.90 -2.46 26.16
N GLN E 219 -2.68 -3.32 26.81
CA GLN E 219 -4.04 -2.95 27.24
C GLN E 219 -4.03 -2.00 28.44
N PRO F 1 -35.60 -27.30 17.05
CA PRO F 1 -36.76 -28.13 17.04
C PRO F 1 -36.52 -29.55 16.49
N ILE F 2 -37.58 -30.33 16.42
CA ILE F 2 -37.55 -31.69 15.93
C ILE F 2 -38.14 -31.64 14.50
N VAL F 3 -37.61 -32.46 13.58
CA VAL F 3 -38.23 -32.69 12.27
C VAL F 3 -38.11 -34.13 11.83
N GLN F 4 -39.12 -34.52 11.07
CA GLN F 4 -39.14 -35.76 10.37
C GLN F 4 -38.50 -35.51 9.04
N ASN F 5 -37.33 -36.09 8.84
CA ASN F 5 -36.55 -35.72 7.69
C ASN F 5 -35.46 -36.72 7.49
N LEU F 6 -34.75 -36.50 6.38
CA LEU F 6 -33.63 -37.32 5.96
C LEU F 6 -34.10 -38.77 6.02
N GLN F 7 -35.03 -39.11 5.11
CA GLN F 7 -35.47 -40.48 4.95
C GLN F 7 -36.26 -40.96 6.18
N GLY F 8 -37.08 -40.05 6.70
CA GLY F 8 -38.06 -40.35 7.75
C GLY F 8 -37.51 -40.71 9.12
N GLN F 9 -36.34 -40.17 9.45
CA GLN F 9 -35.77 -40.24 10.79
C GLN F 9 -36.12 -38.97 11.57
N MET F 10 -36.13 -39.11 12.90
CA MET F 10 -36.21 -37.94 13.77
C MET F 10 -34.84 -37.27 13.93
N VAL F 11 -34.72 -36.02 13.47
CA VAL F 11 -33.48 -35.27 13.61
C VAL F 11 -33.75 -33.88 14.17
N HIS F 12 -32.65 -33.22 14.57
CA HIS F 12 -32.70 -31.85 15.05
C HIS F 12 -32.78 -30.88 13.92
N GLN F 13 -33.63 -29.86 14.10
CA GLN F 13 -33.73 -28.77 13.15
C GLN F 13 -33.19 -27.54 13.86
N CYS F 14 -32.34 -26.78 13.19
CA CYS F 14 -31.73 -25.61 13.81
C CYS F 14 -32.78 -24.56 14.11
N ILE F 15 -32.58 -23.83 15.20
CA ILE F 15 -33.32 -22.59 15.44
C ILE F 15 -33.06 -21.64 14.28
N SER F 16 -34.11 -21.10 13.66
CA SER F 16 -33.92 -20.26 12.47
C SER F 16 -33.26 -18.95 12.85
N PRO F 17 -32.46 -18.40 11.94
CA PRO F 17 -31.87 -17.08 12.17
C PRO F 17 -32.92 -15.99 12.47
N ARG F 18 -34.07 -16.08 11.82
CA ARG F 18 -35.19 -15.19 12.08
C ARG F 18 -35.66 -15.25 13.53
N THR F 19 -35.83 -16.48 14.04
CA THR F 19 -36.24 -16.72 15.44
C THR F 19 -35.20 -16.14 16.38
N LEU F 20 -33.93 -16.49 16.14
CA LEU F 20 -32.86 -16.05 17.02
C LEU F 20 -32.79 -14.55 17.10
N ASN F 21 -32.83 -13.86 15.96
CA ASN F 21 -32.78 -12.40 15.92
C ASN F 21 -33.98 -11.74 16.61
N ALA F 22 -35.17 -12.26 16.33
CA ALA F 22 -36.40 -11.72 16.94
C ALA F 22 -36.37 -11.78 18.46
N TRP F 23 -35.91 -12.90 18.98
CA TRP F 23 -35.81 -13.11 20.41
C TRP F 23 -34.80 -12.15 21.09
N VAL F 24 -33.61 -12.06 20.54
CA VAL F 24 -32.61 -11.13 21.04
C VAL F 24 -33.14 -9.69 21.06
N LYS F 25 -33.88 -9.31 19.99
CA LYS F 25 -34.48 -7.99 19.81
C LYS F 25 -35.49 -7.64 20.91
N VAL F 26 -36.40 -8.57 21.13
CA VAL F 26 -37.43 -8.48 22.13
C VAL F 26 -36.82 -8.20 23.52
N VAL F 27 -35.81 -8.98 23.86
CA VAL F 27 -35.21 -8.87 25.19
C VAL F 27 -34.50 -7.55 25.35
N GLU F 28 -33.77 -7.11 24.32
CA GLU F 28 -33.02 -5.83 24.39
C GLU F 28 -33.97 -4.64 24.53
N GLU F 29 -35.00 -4.63 23.67
CA GLU F 29 -35.84 -3.43 23.52
C GLU F 29 -37.05 -3.41 24.46
N LYS F 30 -37.64 -4.57 24.68
CA LYS F 30 -38.81 -4.73 25.56
C LYS F 30 -38.43 -4.87 27.06
N ALA F 31 -37.12 -4.98 27.34
CA ALA F 31 -36.61 -5.23 28.70
C ALA F 31 -37.37 -6.41 29.31
N PHE F 32 -37.98 -6.21 30.48
CA PHE F 32 -38.80 -7.28 31.06
C PHE F 32 -40.24 -6.79 31.30
N SER F 33 -40.78 -6.17 30.26
CA SER F 33 -42.21 -5.87 30.27
C SER F 33 -42.95 -7.23 30.23
N PRO F 34 -44.17 -7.30 30.80
CA PRO F 34 -44.94 -8.57 30.80
C PRO F 34 -45.10 -9.24 29.44
N GLU F 35 -45.20 -8.47 28.36
CA GLU F 35 -45.35 -9.05 27.02
C GLU F 35 -44.18 -9.91 26.53
N VAL F 36 -43.05 -9.89 27.23
CA VAL F 36 -41.86 -10.71 26.94
C VAL F 36 -42.18 -12.20 26.92
N ILE F 37 -43.01 -12.61 27.84
CA ILE F 37 -43.24 -14.05 28.07
C ILE F 37 -44.01 -14.72 26.92
N PRO F 38 -45.14 -14.12 26.43
CA PRO F 38 -45.80 -14.74 25.27
C PRO F 38 -44.90 -14.81 24.05
N MET F 39 -44.02 -13.81 23.88
CA MET F 39 -43.06 -13.83 22.76
C MET F 39 -42.13 -15.05 22.84
N PHE F 40 -41.60 -15.32 24.02
CA PHE F 40 -40.81 -16.53 24.24
C PHE F 40 -41.61 -17.78 23.88
N SER F 41 -42.86 -17.81 24.36
CA SER F 41 -43.73 -18.94 24.11
C SER F 41 -44.02 -19.18 22.65
N GLU F 42 -44.17 -18.12 21.86
CA GLU F 42 -44.27 -18.24 20.39
C GLU F 42 -42.97 -18.75 19.78
N LEU F 43 -41.87 -18.12 20.18
CA LEU F 43 -40.58 -18.31 19.51
C LEU F 43 -39.99 -19.69 19.73
N SER F 44 -40.40 -20.36 20.80
CA SER F 44 -39.85 -21.67 21.18
C SER F 44 -40.72 -22.86 20.79
N GLU F 45 -41.64 -22.67 19.85
CA GLU F 45 -42.52 -23.78 19.45
C GLU F 45 -41.72 -24.93 18.90
N GLY F 46 -41.97 -26.12 19.44
CA GLY F 46 -41.28 -27.33 19.02
C GLY F 46 -39.85 -27.48 19.51
N ALA F 47 -39.37 -26.53 20.34
CA ALA F 47 -37.98 -26.52 20.81
C ALA F 47 -37.63 -27.73 21.68
N THR F 48 -36.44 -28.27 21.49
CA THR F 48 -35.85 -29.22 22.43
C THR F 48 -35.29 -28.44 23.63
N PRO F 49 -34.93 -29.14 24.73
CA PRO F 49 -34.25 -28.46 25.83
C PRO F 49 -32.96 -27.75 25.38
N GLN F 50 -32.21 -28.36 24.47
CA GLN F 50 -31.02 -27.71 23.91
C GLN F 50 -31.35 -26.35 23.26
N ASP F 51 -32.43 -26.32 22.48
CA ASP F 51 -32.87 -25.09 21.83
C ASP F 51 -33.28 -24.02 22.83
N LEU F 52 -33.97 -24.43 23.88
CA LEU F 52 -34.38 -23.54 24.94
C LEU F 52 -33.15 -22.90 25.61
N ASN F 53 -32.13 -23.72 25.90
CA ASN F 53 -30.91 -23.21 26.51
C ASN F 53 -30.16 -22.24 25.58
N THR F 54 -30.11 -22.57 24.29
CA THR F 54 -29.57 -21.67 23.29
C THR F 54 -30.25 -20.26 23.36
N MET F 55 -31.58 -20.27 23.37
CA MET F 55 -32.36 -19.04 23.47
C MET F 55 -32.06 -18.25 24.74
N LEU F 56 -31.98 -18.93 25.88
CA LEU F 56 -31.63 -18.29 27.14
C LEU F 56 -30.21 -17.75 27.13
N ASN F 57 -29.28 -18.54 26.59
CA ASN F 57 -27.87 -18.18 26.55
C ASN F 57 -27.54 -16.99 25.66
N THR F 58 -28.34 -16.79 24.61
CA THR F 58 -28.13 -15.69 23.66
C THR F 58 -28.46 -14.31 24.21
N VAL F 59 -29.17 -14.27 25.34
CA VAL F 59 -29.47 -13.02 26.05
C VAL F 59 -28.22 -12.51 26.75
N GLY F 60 -27.82 -11.28 26.46
CA GLY F 60 -26.47 -10.83 26.85
C GLY F 60 -26.39 -10.11 28.17
N GLY F 61 -27.33 -9.19 28.31
CA GLY F 61 -27.47 -8.43 29.54
C GLY F 61 -28.43 -9.12 30.47
N HIS F 62 -28.95 -8.36 31.42
CA HIS F 62 -29.96 -8.88 32.36
C HIS F 62 -29.50 -10.18 33.07
N GLN F 63 -28.22 -10.24 33.40
CA GLN F 63 -27.61 -11.44 33.96
C GLN F 63 -28.11 -11.78 35.37
N ALA F 64 -28.57 -10.78 36.12
CA ALA F 64 -29.24 -11.01 37.41
C ALA F 64 -30.46 -11.87 37.19
N ALA F 65 -31.30 -11.45 36.24
CA ALA F 65 -32.48 -12.21 35.89
C ALA F 65 -32.12 -13.62 35.39
N MET F 66 -31.06 -13.80 34.60
CA MET F 66 -30.70 -15.13 34.10
C MET F 66 -30.24 -16.07 35.15
N GLN F 67 -29.59 -15.50 36.15
CA GLN F 67 -29.18 -16.29 37.29
C GLN F 67 -30.36 -16.71 38.19
N MET F 68 -31.31 -15.79 38.38
CA MET F 68 -32.55 -16.14 39.07
C MET F 68 -33.32 -17.20 38.31
N LEU F 69 -33.37 -17.10 36.97
CA LEU F 69 -34.05 -18.10 36.14
C LEU F 69 -33.39 -19.48 36.30
N LYS F 70 -32.07 -19.52 36.40
CA LYS F 70 -31.35 -20.77 36.64
C LYS F 70 -31.76 -21.42 37.98
N GLU F 71 -31.90 -20.59 39.01
CA GLU F 71 -32.37 -21.04 40.33
C GLU F 71 -33.78 -21.63 40.27
N THR F 72 -34.67 -20.99 39.52
CA THR F 72 -36.03 -21.45 39.37
C THR F 72 -36.09 -22.78 38.65
N ILE F 73 -35.31 -22.90 37.59
CA ILE F 73 -35.22 -24.14 36.84
C ILE F 73 -34.70 -25.28 37.74
N ASN F 74 -33.70 -25.00 38.56
CA ASN F 74 -33.17 -26.00 39.50
C ASN F 74 -34.18 -26.43 40.56
N GLU F 75 -34.99 -25.51 41.05
CA GLU F 75 -36.14 -25.81 41.92
C GLU F 75 -37.13 -26.73 41.28
N GLU F 76 -37.51 -26.43 40.04
CA GLU F 76 -38.48 -27.23 39.30
C GLU F 76 -37.92 -28.63 38.97
N ALA F 77 -36.63 -28.69 38.67
CA ALA F 77 -35.94 -29.95 38.44
C ALA F 77 -35.95 -30.84 39.68
N ALA F 78 -35.70 -30.24 40.84
CA ALA F 78 -35.71 -30.95 42.13
C ALA F 78 -37.08 -31.48 42.45
N GLU F 79 -38.12 -30.69 42.22
CA GLU F 79 -39.51 -31.10 42.40
C GLU F 79 -39.89 -32.28 41.47
N TRP F 80 -39.41 -32.21 40.24
CA TRP F 80 -39.61 -33.31 39.30
C TRP F 80 -39.00 -34.64 39.84
N ASP F 81 -37.76 -34.59 40.31
CA ASP F 81 -37.06 -35.75 40.86
C ASP F 81 -37.75 -36.33 42.07
N ARG F 82 -38.32 -35.47 42.90
CA ARG F 82 -39.25 -35.85 43.96
C ARG F 82 -40.42 -36.69 43.45
N LEU F 83 -40.98 -36.31 42.29
CA LEU F 83 -42.12 -37.01 41.67
C LEU F 83 -41.72 -38.24 40.86
N HIS F 84 -40.48 -38.23 40.35
CA HIS F 84 -39.98 -39.33 39.49
C HIS F 84 -38.55 -39.78 39.89
N PRO F 85 -38.40 -40.48 41.02
CA PRO F 85 -37.10 -41.05 41.37
C PRO F 85 -36.74 -42.26 40.48
N VAL F 86 -35.47 -42.63 40.42
CA VAL F 86 -35.06 -43.85 39.67
C VAL F 86 -35.62 -45.10 40.33
N HIS F 87 -36.34 -45.94 39.56
CA HIS F 87 -36.91 -47.20 40.09
C HIS F 87 -35.81 -48.27 40.48
N PRO F 93 -36.08 -52.12 28.85
CA PRO F 93 -36.44 -53.04 27.76
C PRO F 93 -36.97 -52.24 26.58
N GLY F 94 -38.28 -52.23 26.38
CA GLY F 94 -38.91 -51.49 25.26
C GLY F 94 -38.94 -49.97 25.41
N GLN F 95 -38.70 -49.49 26.63
CA GLN F 95 -38.72 -48.06 26.92
C GLN F 95 -37.30 -47.48 27.07
N MET F 96 -37.16 -46.18 26.85
CA MET F 96 -35.93 -45.48 27.20
C MET F 96 -35.72 -45.26 28.73
N ARG F 97 -34.60 -44.61 29.09
CA ARG F 97 -34.34 -44.19 30.51
C ARG F 97 -35.31 -43.09 30.94
N GLU F 98 -35.64 -43.02 32.24
CA GLU F 98 -36.61 -42.04 32.73
C GLU F 98 -35.95 -40.71 33.05
N PRO F 99 -36.51 -39.57 32.60
CA PRO F 99 -35.78 -38.31 32.72
C PRO F 99 -35.78 -37.72 34.10
N ARG F 100 -34.63 -37.31 34.60
CA ARG F 100 -34.55 -36.60 35.87
C ARG F 100 -34.63 -35.09 35.55
N GLY F 101 -34.72 -34.29 36.60
CA GLY F 101 -34.87 -32.85 36.46
C GLY F 101 -33.81 -32.21 35.59
N SER F 102 -32.55 -32.61 35.84
CA SER F 102 -31.40 -32.14 35.07
C SER F 102 -31.43 -32.57 33.60
N ASP F 103 -32.10 -33.69 33.29
CA ASP F 103 -32.27 -34.17 31.92
C ASP F 103 -33.26 -33.27 31.18
N ILE F 104 -34.33 -32.90 31.89
CA ILE F 104 -35.35 -32.03 31.30
C ILE F 104 -34.79 -30.64 31.04
N ALA F 105 -33.92 -30.15 31.93
CA ALA F 105 -33.27 -28.87 31.73
C ALA F 105 -32.10 -28.88 30.70
N GLY F 106 -31.82 -30.05 30.13
CA GLY F 106 -30.81 -30.18 29.09
C GLY F 106 -29.37 -30.14 29.58
N THR F 107 -29.18 -30.32 30.88
CA THR F 107 -27.85 -30.28 31.45
C THR F 107 -27.17 -31.64 31.46
N THR F 108 -27.93 -32.70 31.68
CA THR F 108 -27.39 -34.07 31.79
C THR F 108 -27.97 -35.04 30.78
N SER F 109 -28.65 -34.50 29.79
CA SER F 109 -29.16 -35.27 28.66
C SER F 109 -28.44 -34.82 27.38
N THR F 110 -28.31 -35.74 26.43
CA THR F 110 -27.81 -35.41 25.07
C THR F 110 -28.97 -35.00 24.19
N LEU F 111 -28.69 -34.29 23.09
CA LEU F 111 -29.74 -33.92 22.15
C LEU F 111 -30.48 -35.13 21.64
N GLN F 112 -29.74 -36.18 21.33
CA GLN F 112 -30.34 -37.41 20.82
C GLN F 112 -31.30 -38.06 21.80
N GLU F 113 -30.94 -38.09 23.07
CA GLU F 113 -31.82 -38.56 24.15
C GLU F 113 -33.06 -37.70 24.28
N GLN F 114 -32.89 -36.38 24.21
CA GLN F 114 -34.03 -35.43 24.25
C GLN F 114 -35.02 -35.69 23.09
N ILE F 115 -34.49 -35.84 21.87
CA ILE F 115 -35.29 -36.16 20.70
C ILE F 115 -36.00 -37.50 20.88
N GLY F 116 -35.28 -38.48 21.41
CA GLY F 116 -35.82 -39.80 21.70
C GLY F 116 -37.02 -39.77 22.63
N TRP F 117 -36.91 -39.03 23.72
CA TRP F 117 -38.02 -38.90 24.66
C TRP F 117 -39.18 -38.16 24.08
N MET F 118 -38.92 -37.03 23.42
CA MET F 118 -39.98 -36.19 22.83
C MET F 118 -40.77 -36.89 21.73
N THR F 119 -40.09 -37.74 20.96
CA THR F 119 -40.69 -38.42 19.81
C THR F 119 -41.05 -39.89 20.06
N HIS F 120 -40.99 -40.30 21.33
CA HIS F 120 -41.33 -41.66 21.71
C HIS F 120 -42.84 -41.85 21.67
N ASN F 121 -43.25 -43.11 21.68
CA ASN F 121 -44.66 -43.46 21.83
C ASN F 121 -44.84 -44.38 23.04
N PRO F 122 -45.39 -43.88 24.16
CA PRO F 122 -45.91 -42.51 24.34
C PRO F 122 -44.80 -41.47 24.51
N PRO F 123 -45.07 -40.21 24.09
CA PRO F 123 -44.02 -39.19 24.19
C PRO F 123 -43.82 -38.70 25.62
N ILE F 124 -42.57 -38.50 26.02
CA ILE F 124 -42.28 -37.82 27.28
C ILE F 124 -41.77 -36.44 26.87
N PRO F 125 -42.64 -35.43 26.91
CA PRO F 125 -42.36 -34.20 26.14
C PRO F 125 -41.44 -33.23 26.87
N VAL F 126 -40.17 -33.59 26.97
CA VAL F 126 -39.19 -32.87 27.78
C VAL F 126 -39.01 -31.42 27.38
N GLY F 127 -39.14 -31.14 26.09
CA GLY F 127 -39.07 -29.79 25.58
C GLY F 127 -40.18 -28.92 26.11
N GLU F 128 -41.40 -29.46 26.06
CA GLU F 128 -42.57 -28.71 26.54
C GLU F 128 -42.56 -28.54 28.04
N ILE F 129 -42.07 -29.54 28.78
CA ILE F 129 -42.00 -29.47 30.23
C ILE F 129 -41.02 -28.41 30.64
N TYR F 130 -39.83 -28.45 30.04
CA TYR F 130 -38.77 -27.48 30.32
C TYR F 130 -39.21 -26.05 29.95
N LYS F 131 -39.91 -25.88 28.83
CA LYS F 131 -40.40 -24.56 28.43
C LYS F 131 -41.35 -23.98 29.50
N ARG F 132 -42.18 -24.86 30.02
CA ARG F 132 -43.09 -24.50 31.09
C ARG F 132 -42.35 -24.01 32.30
N TRP F 133 -41.28 -24.70 32.70
CA TRP F 133 -40.45 -24.28 33.85
C TRP F 133 -39.84 -22.95 33.62
N ILE F 134 -39.34 -22.73 32.41
CA ILE F 134 -38.68 -21.47 32.05
C ILE F 134 -39.66 -20.31 32.15
N ILE F 135 -40.88 -20.52 31.64
CA ILE F 135 -41.93 -19.51 31.70
C ILE F 135 -42.30 -19.17 33.14
N LEU F 136 -42.39 -20.20 33.96
CA LEU F 136 -42.64 -20.03 35.38
C LEU F 136 -41.57 -19.12 36.05
N GLY F 137 -40.31 -19.35 35.67
CA GLY F 137 -39.20 -18.54 36.14
C GLY F 137 -39.24 -17.13 35.64
N LEU F 138 -39.59 -16.93 34.37
CA LEU F 138 -39.78 -15.59 33.82
C LEU F 138 -40.88 -14.83 34.54
N ASN F 139 -41.99 -15.53 34.84
CA ASN F 139 -43.08 -14.95 35.63
C ASN F 139 -42.60 -14.33 36.91
N LYS F 140 -41.75 -15.06 37.63
CA LYS F 140 -41.22 -14.62 38.91
C LYS F 140 -40.39 -13.35 38.76
N ILE F 141 -39.59 -13.32 37.71
CA ILE F 141 -38.73 -12.18 37.42
C ILE F 141 -39.58 -10.94 37.05
N VAL F 142 -40.57 -11.12 36.19
CA VAL F 142 -41.46 -10.02 35.82
C VAL F 142 -42.17 -9.44 37.05
N ARG F 143 -42.62 -10.32 37.95
CA ARG F 143 -43.30 -9.89 39.16
C ARG F 143 -42.36 -9.11 40.09
N MET F 144 -41.13 -9.61 40.25
CA MET F 144 -40.11 -8.93 41.04
C MET F 144 -39.81 -7.53 40.52
N TYR F 145 -39.72 -7.43 39.20
CA TYR F 145 -39.35 -6.19 38.48
C TYR F 145 -40.49 -5.17 38.38
N SER F 146 -41.72 -5.67 38.53
CA SER F 146 -42.87 -4.79 38.64
C SER F 146 -42.73 -3.97 39.94
N LYS F 147 -42.74 -2.64 39.83
CA LYS F 147 -42.44 -1.77 40.97
C LYS F 147 -43.54 -1.66 42.04
#